data_4BZE
#
_entry.id   4BZE
#
_cell.length_a   82.340
_cell.length_b   82.906
_cell.length_c   123.419
_cell.angle_alpha   90.00
_cell.angle_beta   90.00
_cell.angle_gamma   90.00
#
_symmetry.space_group_name_H-M   'P 21 21 2'
#
loop_
_entity.id
_entity.type
_entity.pdbx_description
1 polymer 'ALDOSE 1-EPIMERASE'
2 non-polymer GLYCEROL
3 non-polymer 'CITRIC ACID'
4 water water
#
_entity_poly.entity_id   1
_entity_poly.type   'polypeptide(L)'
_entity_poly.pdbx_seq_one_letter_code
;MANFIEKITYLGTPAIKAGNEHLEMIVVPEWGSNVISLVDKTTNVQLLREPETAESFHDTPTLYGIPILFPPNRISDGTF
SFRGRTYHFDINEKDKHNHLHGFLYHEKWNVVTTKQTDEGVIVETEIDLSELPHVQKQFPHHAVVRMTYTIKENTLFKHA
TVMNKGKEAFPWGIGYHTTFIFPAESSLFSLTADQQWELDERLLPTGKLMDVPYKEALHEGMDLRHKQLDDVFLSSYQKR
GGENQAVIYHQHAHISIIYKADEQFKHWVVYNADGKQGYLCPEPYTWVTNAVNLDLPSSLTGLQVLEPGEETTAKSSITI
ELNHQ
;
_entity_poly.pdbx_strand_id   A,B
#
loop_
_chem_comp.id
_chem_comp.type
_chem_comp.name
_chem_comp.formula
CIT non-polymer 'CITRIC ACID' 'C6 H8 O7'
GOL non-polymer GLYCEROL 'C3 H8 O3'
#
# COMPACT_ATOMS: atom_id res chain seq x y z
N ALA A 2 5.43 7.82 -13.84
CA ALA A 2 5.85 6.76 -12.88
C ALA A 2 5.51 7.22 -11.48
N ASN A 3 5.10 6.30 -10.64
CA ASN A 3 4.62 6.65 -9.30
C ASN A 3 4.75 5.47 -8.36
N PHE A 4 4.71 5.75 -7.07
CA PHE A 4 4.99 4.71 -6.08
C PHE A 4 4.18 4.92 -4.82
N ILE A 5 3.95 3.81 -4.12
CA ILE A 5 3.51 3.86 -2.73
C ILE A 5 4.52 3.06 -1.90
N GLU A 6 4.81 3.51 -0.69
CA GLU A 6 5.78 2.86 0.17
C GLU A 6 5.34 2.98 1.62
N LYS A 7 5.17 1.84 2.28
CA LYS A 7 4.86 1.90 3.71
C LYS A 7 6.10 2.30 4.52
N ILE A 8 5.90 3.19 5.49
CA ILE A 8 7.05 3.70 6.26
C ILE A 8 6.64 3.84 7.72
N THR A 9 7.62 4.14 8.59
CA THR A 9 7.33 4.59 9.94
C THR A 9 7.65 6.09 10.03
N TYR A 10 6.72 6.86 10.58
CA TYR A 10 6.98 8.28 10.76
C TYR A 10 6.89 8.60 12.24
N LEU A 11 8.00 9.03 12.81
CA LEU A 11 8.07 9.31 14.25
C LEU A 11 7.40 8.21 15.07
N GLY A 12 7.68 6.96 14.71
CA GLY A 12 7.19 5.80 15.46
C GLY A 12 5.77 5.36 15.14
N THR A 13 5.15 5.95 14.10
CA THR A 13 3.77 5.62 13.72
C THR A 13 3.73 5.18 12.25
N PRO A 14 2.92 4.15 11.91
CA PRO A 14 2.76 3.69 10.53
C PRO A 14 2.22 4.80 9.64
N ALA A 15 2.70 4.86 8.41
CA ALA A 15 2.37 5.96 7.54
C ALA A 15 2.59 5.52 6.12
N ILE A 16 2.09 6.30 5.19
CA ILE A 16 2.15 5.91 3.80
C ILE A 16 2.76 7.02 2.97
N LYS A 17 3.90 6.72 2.36
CA LYS A 17 4.54 7.65 1.47
C LYS A 17 4.08 7.32 0.07
N ALA A 18 3.82 8.35 -0.72
CA ALA A 18 3.28 8.13 -2.06
C ALA A 18 3.70 9.32 -2.94
N GLY A 19 3.94 9.07 -4.21
CA GLY A 19 4.27 10.20 -5.09
C GLY A 19 4.73 9.85 -6.48
N ASN A 20 5.17 10.85 -7.22
CA ASN A 20 5.63 10.60 -8.57
C ASN A 20 6.99 11.31 -8.74
N GLU A 21 7.38 11.66 -9.96
CA GLU A 21 8.68 12.30 -10.10
C GLU A 21 8.66 13.79 -9.66
N HIS A 22 7.47 14.38 -9.46
CA HIS A 22 7.36 15.80 -9.09
C HIS A 22 7.12 16.04 -7.61
N LEU A 23 6.23 15.27 -7.00
CA LEU A 23 5.82 15.49 -5.62
C LEU A 23 5.81 14.20 -4.84
N GLU A 24 6.05 14.29 -3.53
CA GLU A 24 5.91 13.16 -2.63
C GLU A 24 5.17 13.61 -1.38
N MET A 25 4.20 12.82 -0.93
CA MET A 25 3.48 13.13 0.33
C MET A 25 3.68 11.99 1.33
N ILE A 26 3.44 12.27 2.61
CA ILE A 26 3.34 11.20 3.56
C ILE A 26 2.03 11.44 4.33
N VAL A 27 1.17 10.44 4.41
CA VAL A 27 -0.07 10.61 5.15
C VAL A 27 0.01 9.63 6.33
N VAL A 28 -0.50 10.05 7.48
CA VAL A 28 -0.41 9.29 8.70
C VAL A 28 -1.82 9.01 9.20
N PRO A 29 -2.37 7.85 8.83
CA PRO A 29 -3.78 7.54 9.06
C PRO A 29 -4.14 7.59 10.54
N GLU A 30 -3.28 7.09 11.39
CA GLU A 30 -3.54 7.06 12.84
C GLU A 30 -3.60 8.48 13.41
N TRP A 31 -2.94 9.43 12.75
CA TRP A 31 -2.95 10.81 13.20
C TRP A 31 -4.01 11.68 12.50
N GLY A 32 -5.29 11.31 12.58
CA GLY A 32 -6.36 12.07 11.90
C GLY A 32 -6.16 12.17 10.40
N SER A 33 -5.54 11.14 9.82
CA SER A 33 -5.25 11.11 8.38
C SER A 33 -4.55 12.38 7.92
N ASN A 34 -3.60 12.83 8.74
CA ASN A 34 -2.86 14.04 8.47
C ASN A 34 -1.83 13.84 7.37
N VAL A 35 -1.87 14.66 6.32
CA VAL A 35 -0.79 14.71 5.35
C VAL A 35 0.34 15.52 5.97
N ILE A 36 1.32 14.84 6.53
CA ILE A 36 2.27 15.46 7.46
C ILE A 36 3.48 16.02 6.69
N SER A 37 3.66 15.58 5.46
CA SER A 37 4.80 16.00 4.65
C SER A 37 4.36 16.12 3.21
N LEU A 38 4.82 17.17 2.54
CA LEU A 38 4.64 17.33 1.11
C LEU A 38 5.94 17.89 0.54
N VAL A 39 6.57 17.15 -0.35
CA VAL A 39 7.91 17.50 -0.82
C VAL A 39 7.93 17.75 -2.32
N ASP A 40 8.46 18.88 -2.73
CA ASP A 40 8.67 19.13 -4.13
C ASP A 40 10.00 18.49 -4.53
N LYS A 41 9.93 17.51 -5.43
CA LYS A 41 11.09 16.66 -5.77
C LYS A 41 12.19 17.34 -6.56
N THR A 42 11.84 18.21 -7.50
CA THR A 42 12.87 18.81 -8.32
C THR A 42 13.75 19.76 -7.47
N THR A 43 13.14 20.59 -6.62
CA THR A 43 13.91 21.49 -5.74
C THR A 43 14.28 20.81 -4.42
N ASN A 44 13.70 19.64 -4.18
CA ASN A 44 13.86 18.89 -2.93
C ASN A 44 13.43 19.63 -1.62
N VAL A 45 12.47 20.54 -1.75
CA VAL A 45 12.01 21.38 -0.65
C VAL A 45 10.74 20.81 0.05
N GLN A 46 10.79 20.73 1.38
CA GLN A 46 9.61 20.45 2.20
C GLN A 46 8.64 21.66 2.20
N LEU A 47 7.36 21.43 1.92
CA LEU A 47 6.40 22.55 1.87
C LEU A 47 5.59 22.75 3.16
N LEU A 48 5.43 21.66 3.92
CA LEU A 48 4.60 21.63 5.13
C LEU A 48 5.44 21.71 6.40
N ARG A 49 4.89 22.33 7.44
CA ARG A 49 5.53 22.30 8.75
C ARG A 49 5.36 20.90 9.34
N GLU A 50 6.48 20.26 9.70
CA GLU A 50 6.52 18.89 10.27
C GLU A 50 6.88 18.93 11.75
N PRO A 51 6.37 17.99 12.56
CA PRO A 51 6.66 18.06 13.97
C PRO A 51 8.05 17.52 14.30
N GLU A 52 8.69 18.07 15.34
CA GLU A 52 10.02 17.61 15.78
C GLU A 52 9.92 16.21 16.35
N THR A 53 8.91 15.99 17.18
CA THR A 53 8.72 14.69 17.79
C THR A 53 7.25 14.31 17.74
N ALA A 54 7.00 13.04 18.02
CA ALA A 54 5.66 12.52 18.18
C ALA A 54 4.93 13.37 19.19
N GLU A 55 5.56 13.56 20.36
CA GLU A 55 4.90 14.27 21.43
C GLU A 55 4.55 15.72 21.08
N SER A 56 5.39 16.40 20.32
CA SER A 56 5.08 17.75 19.95
C SER A 56 3.84 17.79 19.03
N PHE A 57 3.66 16.75 18.22
CA PHE A 57 2.48 16.67 17.35
C PHE A 57 1.23 16.44 18.19
N HIS A 58 1.27 15.50 19.15
CA HIS A 58 0.13 15.33 20.01
C HIS A 58 -0.15 16.53 20.83
N ASP A 59 0.86 17.37 21.08
CA ASP A 59 0.62 18.63 21.79
C ASP A 59 -0.24 19.62 20.97
N THR A 60 0.11 19.80 19.70
CA THR A 60 -0.67 20.68 18.81
C THR A 60 -0.95 19.97 17.46
N PRO A 61 -1.89 19.01 17.45
CA PRO A 61 -2.15 18.23 16.20
C PRO A 61 -2.86 19.00 15.07
N THR A 62 -3.22 20.25 15.30
CA THR A 62 -3.79 21.07 14.24
C THR A 62 -2.76 22.05 13.66
N LEU A 63 -1.51 21.99 14.14
CA LEU A 63 -0.51 22.96 13.69
C LEU A 63 0.66 22.36 12.91
N TYR A 64 0.43 21.17 12.34
CA TYR A 64 1.42 20.53 11.47
C TYR A 64 0.70 19.88 10.31
N GLY A 65 1.33 19.85 9.15
CA GLY A 65 0.81 19.11 8.04
C GLY A 65 -0.54 19.65 7.55
N ILE A 66 -1.48 18.72 7.29
CA ILE A 66 -2.82 19.09 6.76
C ILE A 66 -3.83 18.45 7.72
N PRO A 67 -4.12 19.11 8.86
CA PRO A 67 -5.13 18.56 9.81
C PRO A 67 -6.56 18.71 9.21
N ILE A 68 -7.44 17.74 9.49
CA ILE A 68 -8.84 17.75 9.03
C ILE A 68 -9.77 18.24 10.12
N LEU A 69 -10.51 19.30 9.78
CA LEU A 69 -11.39 20.04 10.70
C LEU A 69 -12.87 19.77 10.28
N PHE A 70 -13.51 18.87 11.01
CA PHE A 70 -14.88 18.42 10.73
C PHE A 70 -15.67 18.44 12.05
N PRO A 71 -16.43 19.52 12.30
CA PRO A 71 -16.48 20.78 11.53
C PRO A 71 -15.33 21.70 11.95
N PRO A 72 -15.08 22.74 11.13
CA PRO A 72 -13.89 23.59 11.29
C PRO A 72 -14.20 24.74 12.25
N ASN A 73 -13.19 25.09 13.07
CA ASN A 73 -13.19 26.30 13.87
C ASN A 73 -14.24 26.22 14.99
N ARG A 74 -14.78 27.36 15.41
CA ARG A 74 -15.49 27.48 16.67
C ARG A 74 -17.01 27.27 16.57
N ILE A 75 -17.57 26.62 17.61
CA ILE A 75 -19.05 26.63 17.85
C ILE A 75 -19.26 27.19 19.26
N SER A 76 -19.94 28.33 19.36
CA SER A 76 -20.10 28.98 20.68
C SER A 76 -20.72 28.04 21.65
N ASP A 77 -20.06 27.90 22.81
CA ASP A 77 -20.56 27.08 23.92
C ASP A 77 -20.70 25.62 23.54
N GLY A 78 -20.10 25.25 22.42
CA GLY A 78 -20.31 23.94 21.84
C GLY A 78 -21.77 23.58 21.56
N THR A 79 -22.62 24.59 21.39
CA THR A 79 -24.07 24.36 21.33
C THR A 79 -24.72 24.98 20.11
N PHE A 80 -25.63 24.24 19.49
CA PHE A 80 -26.46 24.78 18.39
C PHE A 80 -27.71 23.92 18.24
N SER A 81 -28.69 24.43 17.51
CA SER A 81 -29.80 23.55 17.15
C SER A 81 -29.96 23.40 15.64
N PHE A 82 -30.50 22.26 15.23
CA PHE A 82 -30.68 21.91 13.84
C PHE A 82 -32.03 21.24 13.73
N ARG A 83 -32.89 21.81 12.89
CA ARG A 83 -34.25 21.31 12.72
C ARG A 83 -34.95 20.94 14.08
N GLY A 84 -34.94 21.87 15.02
CA GLY A 84 -35.61 21.66 16.32
C GLY A 84 -34.81 20.96 17.40
N ARG A 85 -33.71 20.31 17.03
CA ARG A 85 -32.95 19.49 17.95
C ARG A 85 -31.67 20.19 18.46
N THR A 86 -31.40 20.13 19.76
CA THR A 86 -30.24 20.83 20.35
C THR A 86 -29.04 19.88 20.51
N TYR A 87 -27.86 20.31 20.06
CA TYR A 87 -26.61 19.54 20.23
C TYR A 87 -25.66 20.20 21.24
N HIS A 88 -24.92 19.39 21.99
CA HIS A 88 -23.79 19.86 22.80
C HIS A 88 -22.48 19.17 22.45
N PHE A 89 -21.54 19.91 21.87
CA PHE A 89 -20.20 19.38 21.58
C PHE A 89 -19.27 19.76 22.75
N ASP A 90 -18.21 18.98 22.99
CA ASP A 90 -17.24 19.30 24.07
C ASP A 90 -16.65 20.66 23.91
N ILE A 91 -16.54 21.36 25.04
CA ILE A 91 -15.96 22.71 25.08
C ILE A 91 -14.42 22.56 25.33
N ASN A 92 -13.64 22.41 24.26
CA ASN A 92 -12.22 22.16 24.45
C ASN A 92 -11.39 23.47 24.43
N GLU A 93 -12.02 24.57 24.01
CA GLU A 93 -11.39 25.91 24.10
C GLU A 93 -12.02 26.67 25.28
N LYS A 94 -11.37 26.56 26.43
CA LYS A 94 -12.00 26.98 27.69
C LYS A 94 -12.06 28.47 27.88
N ASP A 95 -10.99 29.17 27.53
CA ASP A 95 -10.98 30.61 27.78
C ASP A 95 -12.04 31.32 26.93
N LYS A 96 -12.30 30.82 25.73
CA LYS A 96 -13.31 31.45 24.88
C LYS A 96 -14.64 30.69 24.89
N HIS A 97 -14.73 29.68 25.75
CA HIS A 97 -15.95 28.86 25.89
C HIS A 97 -16.53 28.35 24.58
N ASN A 98 -15.67 27.70 23.80
CA ASN A 98 -16.11 27.16 22.53
C ASN A 98 -15.73 25.69 22.39
N HIS A 99 -16.48 24.98 21.55
CA HIS A 99 -15.96 23.82 20.88
C HIS A 99 -15.04 24.30 19.77
N LEU A 100 -13.88 23.64 19.60
CA LEU A 100 -12.97 24.05 18.51
C LEU A 100 -12.38 22.89 17.69
N HIS A 101 -12.60 22.97 16.39
CA HIS A 101 -11.92 22.13 15.40
C HIS A 101 -12.46 20.72 15.16
N GLY A 102 -13.57 20.36 15.79
CA GLY A 102 -14.33 19.22 15.38
C GLY A 102 -13.81 17.89 15.88
N PHE A 103 -14.11 16.83 15.13
CA PHE A 103 -14.03 15.49 15.75
C PHE A 103 -12.88 14.61 15.29
N LEU A 104 -12.18 15.01 14.23
CA LEU A 104 -11.40 13.99 13.44
C LEU A 104 -9.88 14.13 13.38
N TYR A 105 -9.32 15.25 13.82
CA TYR A 105 -7.89 15.52 13.64
C TYR A 105 -7.03 14.65 14.60
N HIS A 106 -7.66 14.02 15.59
CA HIS A 106 -6.93 13.23 16.57
C HIS A 106 -7.47 11.82 16.70
N GLU A 107 -8.11 11.31 15.64
CA GLU A 107 -8.66 9.96 15.65
C GLU A 107 -7.97 9.10 14.57
N LYS A 108 -8.04 7.78 14.72
CA LYS A 108 -7.47 6.82 13.75
C LYS A 108 -8.37 6.63 12.57
N TRP A 109 -7.86 6.93 11.37
CA TRP A 109 -8.60 6.62 10.13
C TRP A 109 -8.05 5.33 9.55
N ASN A 110 -8.88 4.59 8.81
CA ASN A 110 -8.46 3.38 8.09
C ASN A 110 -8.09 3.72 6.65
N VAL A 111 -7.09 3.02 6.11
CA VAL A 111 -6.77 3.10 4.70
C VAL A 111 -7.76 2.21 4.00
N VAL A 112 -8.58 2.74 3.11
CA VAL A 112 -9.57 1.87 2.52
C VAL A 112 -9.10 1.38 1.15
N THR A 113 -8.34 2.19 0.42
CA THR A 113 -7.70 1.68 -0.81
C THR A 113 -6.56 2.55 -1.29
N THR A 114 -5.81 1.99 -2.22
CA THR A 114 -4.78 2.70 -2.96
C THR A 114 -4.93 2.24 -4.39
N LYS A 115 -4.57 3.11 -5.32
CA LYS A 115 -4.65 2.79 -6.74
C LYS A 115 -3.58 3.57 -7.49
N GLN A 116 -2.94 2.91 -8.45
CA GLN A 116 -1.87 3.53 -9.25
C GLN A 116 -2.08 3.21 -10.73
N THR A 117 -2.01 4.23 -11.57
CA THR A 117 -2.11 4.09 -13.01
C THR A 117 -1.32 5.23 -13.62
N ASP A 118 -1.40 5.36 -14.94
CA ASP A 118 -0.85 6.51 -15.66
C ASP A 118 -1.49 7.86 -15.29
N GLU A 119 -2.63 7.80 -14.61
CA GLU A 119 -3.35 8.98 -14.18
C GLU A 119 -2.93 9.41 -12.77
N GLY A 120 -1.91 8.76 -12.20
CA GLY A 120 -1.41 9.12 -10.90
C GLY A 120 -1.63 8.09 -9.79
N VAL A 121 -1.29 8.50 -8.58
CA VAL A 121 -1.37 7.60 -7.47
C VAL A 121 -2.41 8.10 -6.47
N ILE A 122 -3.26 7.19 -6.01
CA ILE A 122 -4.39 7.53 -5.15
C ILE A 122 -4.27 6.82 -3.83
N VAL A 123 -4.39 7.55 -2.73
CA VAL A 123 -4.53 6.95 -1.40
C VAL A 123 -5.86 7.45 -0.83
N GLU A 124 -6.70 6.51 -0.36
CA GLU A 124 -7.97 6.82 0.26
C GLU A 124 -8.00 6.38 1.71
N THR A 125 -8.40 7.29 2.59
CA THR A 125 -8.60 7.00 4.01
C THR A 125 -10.06 7.26 4.35
N GLU A 126 -10.52 6.69 5.47
CA GLU A 126 -11.91 6.85 5.84
C GLU A 126 -12.10 6.67 7.33
N ILE A 127 -13.11 7.36 7.85
CA ILE A 127 -13.52 7.20 9.24
C ILE A 127 -15.03 7.25 9.38
N ASP A 128 -15.56 6.30 10.14
CA ASP A 128 -16.99 6.22 10.35
C ASP A 128 -17.27 6.72 11.75
N LEU A 129 -17.88 7.90 11.86
CA LEU A 129 -18.16 8.49 13.20
C LEU A 129 -19.07 7.64 14.08
N SER A 130 -19.82 6.71 13.47
CA SER A 130 -20.70 5.84 14.29
C SER A 130 -19.90 4.88 15.15
N GLU A 131 -18.64 4.69 14.76
CA GLU A 131 -17.75 3.79 15.46
C GLU A 131 -16.97 4.48 16.58
N LEU A 132 -17.24 5.77 16.82
CA LEU A 132 -16.56 6.55 17.88
C LEU A 132 -17.54 6.91 19.01
N PRO A 133 -17.54 6.12 20.09
CA PRO A 133 -18.62 6.28 21.08
C PRO A 133 -18.72 7.71 21.65
N HIS A 134 -17.59 8.34 21.94
CA HIS A 134 -17.59 9.69 22.53
C HIS A 134 -18.07 10.75 21.53
N VAL A 135 -17.71 10.61 20.26
CA VAL A 135 -18.28 11.46 19.20
C VAL A 135 -19.81 11.31 19.11
N GLN A 136 -20.31 10.06 19.12
CA GLN A 136 -21.75 9.75 19.13
C GLN A 136 -22.55 10.44 20.22
N LYS A 137 -21.97 10.57 21.40
CA LYS A 137 -22.62 11.21 22.55
C LYS A 137 -22.83 12.68 22.19
N GLN A 138 -21.92 13.25 21.41
CA GLN A 138 -22.01 14.66 20.99
C GLN A 138 -22.86 14.88 19.70
N PHE A 139 -22.72 13.94 18.77
CA PHE A 139 -23.23 14.07 17.41
C PHE A 139 -23.75 12.69 17.00
N PRO A 140 -24.98 12.31 17.47
CA PRO A 140 -25.52 10.95 17.24
C PRO A 140 -25.99 10.74 15.81
N HIS A 141 -25.08 10.84 14.84
CA HIS A 141 -25.42 10.60 13.45
C HIS A 141 -24.37 9.76 12.82
N HIS A 142 -24.78 9.05 11.77
CA HIS A 142 -23.92 8.10 11.09
C HIS A 142 -23.29 8.79 9.91
N ALA A 143 -22.41 9.73 10.23
CA ALA A 143 -21.61 10.42 9.22
C ALA A 143 -20.39 9.55 8.96
N VAL A 144 -20.00 9.48 7.69
CA VAL A 144 -18.74 8.83 7.30
C VAL A 144 -18.00 9.83 6.42
N VAL A 145 -16.68 9.98 6.66
CA VAL A 145 -15.84 10.85 5.85
C VAL A 145 -14.73 10.02 5.22
N ARG A 146 -14.64 10.14 3.92
CA ARG A 146 -13.56 9.53 3.14
C ARG A 146 -12.68 10.61 2.52
N MET A 147 -11.36 10.49 2.64
CA MET A 147 -10.43 11.38 1.93
C MET A 147 -9.89 10.66 0.71
N THR A 148 -9.87 11.34 -0.42
CA THR A 148 -9.22 10.79 -1.59
C THR A 148 -8.06 11.72 -1.93
N TYR A 149 -6.83 11.25 -1.71
CA TYR A 149 -5.64 11.97 -2.13
C TYR A 149 -5.12 11.44 -3.46
N THR A 150 -4.92 12.33 -4.45
CA THR A 150 -4.35 11.93 -5.74
C THR A 150 -3.19 12.81 -6.09
N ILE A 151 -2.06 12.19 -6.42
CA ILE A 151 -0.92 12.95 -6.94
C ILE A 151 -0.85 12.66 -8.43
N LYS A 152 -0.92 13.71 -9.24
CA LYS A 152 -0.88 13.60 -10.68
C LYS A 152 -0.12 14.81 -11.13
N GLU A 153 0.90 14.58 -11.97
CA GLU A 153 1.85 15.63 -12.36
C GLU A 153 2.37 16.46 -11.15
N ASN A 154 2.11 17.77 -11.12
CA ASN A 154 2.62 18.67 -10.06
C ASN A 154 1.53 19.10 -9.07
N THR A 155 0.46 18.31 -8.99
CA THR A 155 -0.65 18.60 -8.06
C THR A 155 -0.99 17.47 -7.10
N LEU A 156 -1.21 17.84 -5.83
CA LEU A 156 -1.88 16.97 -4.87
C LEU A 156 -3.36 17.37 -4.85
N PHE A 157 -4.23 16.46 -5.27
CA PHE A 157 -5.69 16.64 -5.15
C PHE A 157 -6.10 16.00 -3.85
N LYS A 158 -7.01 16.65 -3.15
CA LYS A 158 -7.37 16.31 -1.76
C LYS A 158 -8.90 16.56 -1.68
N HIS A 159 -9.66 15.47 -1.84
CA HIS A 159 -11.14 15.44 -1.91
C HIS A 159 -11.74 14.81 -0.72
N ALA A 160 -12.79 15.43 -0.18
CA ALA A 160 -13.44 14.85 0.97
C ALA A 160 -14.84 14.46 0.53
N THR A 161 -15.22 13.22 0.78
CA THR A 161 -16.58 12.77 0.48
C THR A 161 -17.26 12.54 1.83
N VAL A 162 -18.36 13.23 2.07
CA VAL A 162 -19.11 13.12 3.33
C VAL A 162 -20.43 12.38 3.05
N MET A 163 -20.71 11.37 3.85
CA MET A 163 -21.86 10.48 3.65
C MET A 163 -22.73 10.43 4.88
N ASN A 164 -24.05 10.40 4.64
CA ASN A 164 -25.03 10.16 5.67
C ASN A 164 -25.50 8.73 5.51
N LYS A 165 -24.93 7.83 6.31
CA LYS A 165 -25.38 6.43 6.31
C LYS A 165 -26.44 6.16 7.37
N GLY A 166 -26.96 7.22 8.00
CA GLY A 166 -27.93 7.07 9.11
C GLY A 166 -29.40 7.35 8.77
N LYS A 167 -30.24 7.48 9.81
CA LYS A 167 -31.68 7.59 9.58
C LYS A 167 -32.21 9.01 9.60
N GLU A 168 -31.38 9.98 10.01
CA GLU A 168 -31.78 11.38 10.08
C GLU A 168 -30.78 12.29 9.36
N ALA A 169 -31.27 13.45 8.94
CA ALA A 169 -30.43 14.49 8.32
C ALA A 169 -29.46 15.12 9.31
N PHE A 170 -28.30 15.60 8.83
CA PHE A 170 -27.39 16.37 9.68
C PHE A 170 -26.72 17.50 8.92
N PRO A 171 -26.37 18.59 9.62
CA PRO A 171 -25.57 19.63 8.94
C PRO A 171 -24.07 19.29 9.02
N TRP A 172 -23.30 19.74 8.05
CA TRP A 172 -21.88 19.46 8.12
C TRP A 172 -21.09 20.56 7.42
N GLY A 173 -19.81 20.67 7.78
CA GLY A 173 -18.87 21.53 7.09
C GLY A 173 -17.53 20.85 7.35
N ILE A 174 -16.56 21.19 6.53
CA ILE A 174 -15.20 20.70 6.63
C ILE A 174 -14.20 21.81 6.28
N GLY A 175 -13.04 21.77 6.94
CA GLY A 175 -11.95 22.66 6.56
C GLY A 175 -10.66 21.96 6.87
N TYR A 176 -9.56 22.57 6.39
CA TYR A 176 -8.22 22.03 6.58
C TYR A 176 -7.35 23.06 7.26
N HIS A 177 -6.54 22.59 8.23
CA HIS A 177 -5.67 23.53 8.93
C HIS A 177 -4.26 23.53 8.34
N THR A 178 -4.21 23.31 7.03
CA THR A 178 -2.97 23.20 6.30
C THR A 178 -1.89 24.20 6.75
N THR A 179 -0.74 23.69 7.16
CA THR A 179 0.31 24.50 7.79
C THR A 179 1.55 24.47 6.89
N PHE A 180 1.72 25.53 6.09
CA PHE A 180 2.88 25.63 5.21
C PHE A 180 4.08 26.29 5.88
N ILE A 181 5.29 25.87 5.50
CA ILE A 181 6.46 26.64 5.90
C ILE A 181 6.38 28.01 5.24
N PHE A 182 6.64 29.07 6.01
CA PHE A 182 6.46 30.47 5.52
C PHE A 182 7.53 31.40 6.14
N PRO A 183 8.72 31.48 5.50
CA PRO A 183 9.72 32.37 6.07
C PRO A 183 9.31 33.80 5.84
N ALA A 184 9.04 34.49 6.94
CA ALA A 184 8.50 35.83 6.94
C ALA A 184 9.28 36.80 6.08
N GLU A 185 10.60 36.65 6.02
CA GLU A 185 11.39 37.62 5.29
C GLU A 185 11.31 37.51 3.79
N SER A 186 11.02 36.32 3.28
CA SER A 186 11.20 36.09 1.84
C SER A 186 10.07 35.32 1.14
N SER A 187 8.91 35.17 1.79
CA SER A 187 7.75 34.59 1.15
C SER A 187 6.61 35.58 0.98
N LEU A 188 5.79 35.36 -0.04
CA LEU A 188 4.63 36.22 -0.34
C LEU A 188 3.31 35.43 -0.31
N PHE A 189 2.22 36.10 0.00
CA PHE A 189 0.94 35.40 0.13
C PHE A 189 -0.14 36.16 -0.61
N SER A 190 -0.97 35.45 -1.34
CA SER A 190 -2.13 36.09 -1.98
C SER A 190 -3.39 35.29 -1.64
N LEU A 191 -4.56 35.93 -1.70
CA LEU A 191 -5.85 35.24 -1.38
C LEU A 191 -6.95 35.86 -2.23
N THR A 192 -7.83 35.05 -2.80
CA THR A 192 -9.03 35.57 -3.48
C THR A 192 -10.12 35.93 -2.47
N ALA A 193 -10.02 37.13 -1.90
CA ALA A 193 -11.04 37.63 -0.96
C ALA A 193 -11.07 39.17 -0.96
N ASP A 194 -12.28 39.75 -0.88
CA ASP A 194 -12.45 41.21 -0.80
C ASP A 194 -12.99 41.61 0.56
N GLN A 195 -13.68 40.67 1.22
CA GLN A 195 -14.34 40.94 2.53
C GLN A 195 -13.94 39.91 3.59
N GLN A 196 -14.17 40.25 4.85
CA GLN A 196 -13.88 39.33 5.94
C GLN A 196 -14.96 39.51 7.02
N TRP A 197 -15.09 38.49 7.86
CA TRP A 197 -16.15 38.48 8.84
C TRP A 197 -15.65 39.20 10.06
N GLU A 198 -16.44 40.15 10.55
CA GLU A 198 -16.16 40.78 11.84
C GLU A 198 -16.26 39.77 12.98
N LEU A 199 -15.24 39.70 13.84
CA LEU A 199 -15.25 38.74 14.95
C LEU A 199 -15.28 39.43 16.32
N ASP A 200 -15.88 38.78 17.28
CA ASP A 200 -15.88 39.34 18.64
C ASP A 200 -14.66 38.83 19.39
N GLU A 201 -14.63 39.06 20.69
CA GLU A 201 -13.49 38.74 21.52
C GLU A 201 -13.35 37.22 21.73
N ARG A 202 -14.41 36.46 21.41
CA ARG A 202 -14.37 34.99 21.44
C ARG A 202 -14.10 34.38 20.04
N LEU A 203 -13.65 35.24 19.13
CA LEU A 203 -13.36 34.83 17.75
C LEU A 203 -14.58 34.29 16.98
N LEU A 204 -15.76 34.72 17.41
CA LEU A 204 -17.01 34.32 16.75
C LEU A 204 -17.52 35.45 15.90
N PRO A 205 -18.04 35.13 14.71
CA PRO A 205 -18.62 36.17 13.85
C PRO A 205 -19.78 36.93 14.53
N THR A 206 -19.77 38.25 14.36
CA THR A 206 -20.88 39.09 14.82
C THR A 206 -22.02 39.00 13.80
N GLY A 207 -21.72 38.55 12.59
CA GLY A 207 -22.73 38.49 11.53
C GLY A 207 -22.45 39.54 10.46
N LYS A 208 -21.64 40.55 10.77
CA LYS A 208 -21.29 41.57 9.77
C LYS A 208 -20.05 41.25 8.93
N LEU A 209 -20.07 41.70 7.67
CA LEU A 209 -18.90 41.66 6.81
C LEU A 209 -18.25 43.04 6.70
N MET A 210 -16.93 43.09 6.47
CA MET A 210 -16.24 44.36 6.32
C MET A 210 -15.26 44.21 5.19
N ASP A 211 -14.99 45.31 4.49
CA ASP A 211 -14.00 45.29 3.43
C ASP A 211 -12.62 45.03 4.01
N VAL A 212 -11.81 44.34 3.24
CA VAL A 212 -10.38 44.18 3.54
C VAL A 212 -9.73 45.42 2.91
N PRO A 213 -9.19 46.33 3.74
CA PRO A 213 -8.66 47.62 3.20
C PRO A 213 -7.39 47.43 2.32
N TYR A 214 -6.59 46.41 2.63
CA TYR A 214 -5.44 46.06 1.78
C TYR A 214 -5.79 44.99 0.74
N LYS A 215 -7.04 44.96 0.28
CA LYS A 215 -7.41 43.84 -0.59
C LYS A 215 -6.58 43.81 -1.90
N GLU A 216 -6.16 44.96 -2.46
CA GLU A 216 -5.34 44.92 -3.70
C GLU A 216 -4.00 44.22 -3.46
N ALA A 217 -3.37 44.49 -2.33
CA ALA A 217 -2.06 43.84 -2.09
C ALA A 217 -2.33 42.34 -1.83
N LEU A 218 -3.45 42.04 -1.19
CA LEU A 218 -3.82 40.65 -0.84
C LEU A 218 -4.10 39.82 -2.09
N HIS A 219 -4.68 40.44 -3.12
CA HIS A 219 -4.89 39.78 -4.38
C HIS A 219 -3.63 39.48 -5.10
N GLU A 220 -2.74 40.46 -5.10
CA GLU A 220 -1.49 40.47 -5.90
C GLU A 220 -0.38 39.60 -5.32
N GLY A 221 -0.32 39.53 -4.00
CA GLY A 221 0.84 38.90 -3.38
C GLY A 221 1.50 39.93 -2.49
N MET A 222 1.55 39.62 -1.20
CA MET A 222 2.04 40.59 -0.21
C MET A 222 2.89 39.89 0.86
N ASP A 223 3.79 40.64 1.46
CA ASP A 223 4.57 40.06 2.56
C ASP A 223 3.67 40.10 3.81
N LEU A 224 3.98 39.29 4.81
CA LEU A 224 3.27 39.33 6.09
C LEU A 224 4.20 39.70 7.27
N ARG A 225 5.24 40.49 7.00
CA ARG A 225 6.07 40.95 8.13
C ARG A 225 5.23 41.90 8.96
N HIS A 226 5.33 41.77 10.28
CA HIS A 226 4.57 42.62 11.21
C HIS A 226 3.08 42.36 11.31
N LYS A 227 2.52 41.54 10.41
CA LYS A 227 1.09 41.26 10.49
C LYS A 227 0.82 39.99 11.28
N GLN A 228 -0.14 40.04 12.18
CA GLN A 228 -0.60 38.86 12.89
C GLN A 228 -2.03 38.55 12.50
N LEU A 229 -2.24 37.39 11.94
CA LEU A 229 -3.49 37.04 11.31
C LEU A 229 -4.14 35.89 12.06
N ASP A 230 -5.41 36.07 12.38
CA ASP A 230 -6.26 34.95 12.71
C ASP A 230 -7.64 35.39 12.23
N ASP A 231 -7.77 35.45 10.91
CA ASP A 231 -8.83 36.19 10.26
C ASP A 231 -9.69 35.27 9.37
N VAL A 232 -11.03 35.49 9.39
CA VAL A 232 -12.01 34.72 8.67
C VAL A 232 -12.42 35.54 7.43
N PHE A 233 -11.79 35.26 6.31
CA PHE A 233 -12.04 35.91 5.03
C PHE A 233 -13.17 35.23 4.27
N LEU A 234 -13.93 36.02 3.50
CA LEU A 234 -14.97 35.46 2.67
C LEU A 234 -14.35 35.30 1.27
N SER A 235 -14.41 34.12 0.67
CA SER A 235 -13.90 33.99 -0.68
C SER A 235 -14.68 34.96 -1.56
N SER A 236 -13.98 35.57 -2.49
CA SER A 236 -14.60 36.48 -3.47
C SER A 236 -15.35 35.75 -4.60
N TYR A 237 -15.15 34.44 -4.69
CA TYR A 237 -15.75 33.63 -5.73
C TYR A 237 -17.29 33.72 -5.81
N GLN A 238 -17.98 33.55 -4.69
CA GLN A 238 -19.44 33.61 -4.71
C GLN A 238 -19.97 34.91 -5.43
N LYS A 239 -19.32 36.05 -5.17
CA LYS A 239 -19.76 37.36 -5.68
C LYS A 239 -19.16 37.75 -7.01
N ARG A 240 -17.90 37.43 -7.23
CA ARG A 240 -17.15 37.97 -8.38
C ARG A 240 -16.78 36.89 -9.38
N GLY A 241 -16.96 35.61 -9.05
CA GLY A 241 -16.35 34.53 -9.86
C GLY A 241 -14.82 34.53 -9.87
N GLY A 242 -14.21 34.07 -10.96
CA GLY A 242 -12.74 34.03 -11.08
C GLY A 242 -12.17 32.79 -10.34
N GLU A 243 -11.19 32.99 -9.48
CA GLU A 243 -10.51 31.85 -8.88
C GLU A 243 -10.94 31.78 -7.42
N ASN A 244 -10.66 30.64 -6.78
CA ASN A 244 -10.86 30.52 -5.35
C ASN A 244 -9.61 29.83 -4.80
N GLN A 245 -8.66 30.61 -4.30
CA GLN A 245 -7.35 30.07 -4.00
C GLN A 245 -6.51 31.00 -3.18
N ALA A 246 -5.56 30.37 -2.48
CA ALA A 246 -4.52 31.01 -1.71
C ALA A 246 -3.24 30.64 -2.47
N VAL A 247 -2.31 31.60 -2.55
CA VAL A 247 -1.00 31.37 -3.21
C VAL A 247 0.12 31.74 -2.24
N ILE A 248 1.12 30.87 -2.09
CA ILE A 248 2.35 31.16 -1.34
C ILE A 248 3.51 31.15 -2.34
N TYR A 249 4.30 32.23 -2.36
CA TYR A 249 5.46 32.27 -3.25
C TYR A 249 6.75 32.30 -2.42
N HIS A 250 7.66 31.38 -2.70
CA HIS A 250 8.95 31.30 -1.97
C HIS A 250 9.93 31.93 -2.89
N GLN A 251 10.49 33.06 -2.47
CA GLN A 251 11.31 33.90 -3.34
C GLN A 251 12.65 33.31 -3.68
N HIS A 252 13.24 32.49 -2.80
CA HIS A 252 14.57 31.94 -3.13
C HIS A 252 14.56 30.83 -4.14
N ALA A 253 13.78 29.78 -3.91
CA ALA A 253 13.75 28.68 -4.87
C ALA A 253 12.73 28.93 -6.03
N HIS A 254 12.08 30.07 -6.03
CA HIS A 254 11.05 30.40 -7.04
C HIS A 254 9.96 29.34 -7.14
N ILE A 255 9.34 29.03 -6.00
CA ILE A 255 8.30 28.01 -5.98
C ILE A 255 6.96 28.75 -5.73
N SER A 256 5.95 28.51 -6.57
CA SER A 256 4.56 28.90 -6.25
C SER A 256 3.74 27.72 -5.78
N ILE A 257 3.08 27.87 -4.63
CA ILE A 257 2.18 26.86 -4.09
C ILE A 257 0.79 27.42 -4.34
N ILE A 258 0.02 26.76 -5.20
CA ILE A 258 -1.33 27.27 -5.59
C ILE A 258 -2.34 26.33 -4.93
N TYR A 259 -2.96 26.79 -3.86
CA TYR A 259 -3.93 26.02 -3.10
C TYR A 259 -5.34 26.42 -3.57
N LYS A 260 -5.91 25.68 -4.50
CA LYS A 260 -7.28 25.91 -5.01
C LYS A 260 -8.37 25.15 -4.22
N ALA A 261 -9.58 25.70 -4.19
CA ALA A 261 -10.68 24.99 -3.51
C ALA A 261 -11.92 25.24 -4.36
N ASP A 262 -12.83 24.27 -4.37
CA ASP A 262 -14.04 24.41 -5.19
C ASP A 262 -15.03 25.42 -4.59
N GLU A 263 -16.20 25.56 -5.23
CA GLU A 263 -17.19 26.54 -4.84
C GLU A 263 -17.79 26.36 -3.46
N GLN A 264 -17.76 25.13 -2.94
CA GLN A 264 -18.23 24.91 -1.55
C GLN A 264 -17.34 25.55 -0.50
N PHE A 265 -16.09 25.82 -0.88
CA PHE A 265 -15.17 26.38 0.10
C PHE A 265 -15.34 27.89 0.12
N LYS A 266 -16.28 28.35 0.94
CA LYS A 266 -16.72 29.77 0.90
C LYS A 266 -15.93 30.77 1.73
N HIS A 267 -14.99 30.25 2.52
CA HIS A 267 -14.33 31.04 3.51
C HIS A 267 -12.91 30.56 3.64
N TRP A 268 -12.02 31.47 3.96
CA TRP A 268 -10.61 31.11 4.26
C TRP A 268 -10.19 31.70 5.56
N VAL A 269 -9.79 30.87 6.53
CA VAL A 269 -9.15 31.42 7.73
C VAL A 269 -7.62 31.50 7.52
N VAL A 270 -7.02 32.66 7.73
CA VAL A 270 -5.56 32.75 7.63
C VAL A 270 -5.03 32.99 9.05
N TYR A 271 -4.09 32.15 9.46
CA TYR A 271 -3.56 32.12 10.82
C TYR A 271 -2.02 31.97 10.78
N ASN A 272 -1.31 32.87 11.45
CA ASN A 272 0.16 32.79 11.53
C ASN A 272 0.67 32.98 12.98
N ALA A 273 -0.20 32.78 13.96
CA ALA A 273 0.19 32.98 15.37
C ALA A 273 0.80 34.40 15.52
N ASP A 274 2.01 34.54 16.04
CA ASP A 274 2.57 35.89 16.22
C ASP A 274 3.36 36.38 15.00
N GLY A 275 3.42 35.54 13.96
CA GLY A 275 4.18 35.91 12.76
C GLY A 275 5.68 35.68 12.88
N LYS A 276 6.13 35.03 13.95
CA LYS A 276 7.56 34.78 14.18
C LYS A 276 7.85 33.27 14.26
N GLN A 277 6.87 32.46 13.85
CA GLN A 277 6.88 31.04 14.10
C GLN A 277 7.31 30.33 12.82
N GLY A 278 7.53 31.11 11.75
CA GLY A 278 7.98 30.54 10.49
C GLY A 278 7.00 29.64 9.73
N TYR A 279 5.71 29.77 10.05
CA TYR A 279 4.64 29.13 9.30
C TYR A 279 3.36 29.98 8.96
N LEU A 280 2.55 29.48 8.02
CA LEU A 280 1.27 30.12 7.67
C LEU A 280 0.24 29.05 7.37
N CYS A 281 -0.96 29.19 7.96
CA CYS A 281 -2.08 28.31 7.69
C CYS A 281 -3.21 29.06 6.91
N PRO A 282 -3.30 28.84 5.60
CA PRO A 282 -4.44 29.40 4.79
C PRO A 282 -5.45 28.25 4.77
N GLU A 283 -6.52 28.37 5.58
CA GLU A 283 -7.41 27.27 5.82
C GLU A 283 -8.75 27.44 5.08
N PRO A 284 -8.96 26.66 3.99
CA PRO A 284 -10.25 26.77 3.31
C PRO A 284 -11.33 26.04 4.06
N TYR A 285 -12.49 26.68 4.28
CA TYR A 285 -13.61 26.07 5.02
C TYR A 285 -14.84 26.08 4.12
N THR A 286 -15.66 25.03 4.20
CA THR A 286 -16.94 25.03 3.55
C THR A 286 -17.95 25.85 4.32
N TRP A 287 -17.78 25.99 5.61
CA TRP A 287 -18.67 26.89 6.30
C TRP A 287 -17.92 27.84 7.22
N VAL A 288 -18.55 28.97 7.54
CA VAL A 288 -17.92 30.00 8.32
C VAL A 288 -17.91 29.58 9.80
N THR A 289 -16.97 30.12 10.57
CA THR A 289 -16.94 29.86 11.99
C THR A 289 -18.35 30.01 12.51
N ASN A 290 -18.80 29.05 13.33
CA ASN A 290 -20.09 29.13 14.07
C ASN A 290 -21.33 29.22 13.16
N ALA A 291 -21.20 28.65 11.95
CA ALA A 291 -22.21 28.70 10.91
C ALA A 291 -23.49 28.16 11.42
N VAL A 292 -23.42 27.12 12.26
CA VAL A 292 -24.61 26.48 12.80
C VAL A 292 -25.51 27.39 13.63
N ASN A 293 -24.96 28.53 14.05
CA ASN A 293 -25.68 29.46 14.92
C ASN A 293 -26.00 30.79 14.26
N LEU A 294 -25.89 30.87 12.94
CA LEU A 294 -26.12 32.12 12.27
C LEU A 294 -27.41 32.05 11.46
N ASP A 295 -28.33 32.98 11.72
CA ASP A 295 -29.54 33.03 10.92
C ASP A 295 -29.27 33.82 9.61
N LEU A 296 -28.34 33.32 8.79
CA LEU A 296 -28.08 33.93 7.48
C LEU A 296 -28.22 32.88 6.40
N PRO A 297 -28.38 33.30 5.12
CA PRO A 297 -28.56 32.31 4.07
C PRO A 297 -27.36 31.38 3.92
N SER A 298 -27.68 30.15 3.54
CA SER A 298 -26.72 29.11 3.31
C SER A 298 -25.74 29.47 2.17
N SER A 299 -26.17 30.28 1.20
CA SER A 299 -25.26 30.68 0.13
C SER A 299 -24.15 31.55 0.74
N LEU A 300 -24.39 32.19 1.89
CA LEU A 300 -23.34 32.97 2.54
C LEU A 300 -22.58 32.17 3.58
N THR A 301 -23.28 31.50 4.52
CA THR A 301 -22.57 30.81 5.58
C THR A 301 -21.82 29.58 5.02
N GLY A 302 -22.40 28.97 3.99
CA GLY A 302 -21.90 27.72 3.47
C GLY A 302 -22.37 26.47 4.21
N LEU A 303 -23.27 26.63 5.18
CA LEU A 303 -23.88 25.46 5.83
C LEU A 303 -24.43 24.50 4.79
N GLN A 304 -24.15 23.22 4.98
CA GLN A 304 -24.69 22.19 4.12
C GLN A 304 -25.38 21.13 4.94
N VAL A 305 -26.30 20.41 4.29
CA VAL A 305 -27.10 19.36 5.00
C VAL A 305 -27.09 18.09 4.13
N LEU A 306 -26.91 16.95 4.77
CA LEU A 306 -27.03 15.68 4.09
C LEU A 306 -28.26 14.95 4.64
N GLU A 307 -29.20 14.60 3.75
CA GLU A 307 -30.36 13.79 4.10
C GLU A 307 -29.92 12.33 4.15
N PRO A 308 -30.69 11.42 4.82
CA PRO A 308 -30.28 10.03 4.86
C PRO A 308 -29.99 9.46 3.45
N GLY A 309 -28.83 8.84 3.29
CA GLY A 309 -28.45 8.20 2.01
C GLY A 309 -27.70 9.09 1.05
N GLU A 310 -27.60 10.38 1.37
CA GLU A 310 -26.91 11.35 0.51
C GLU A 310 -25.39 11.40 0.71
N GLU A 311 -24.68 11.86 -0.31
CA GLU A 311 -23.24 12.15 -0.14
C GLU A 311 -22.83 13.38 -0.92
N THR A 312 -21.77 14.02 -0.43
CA THR A 312 -21.22 15.20 -1.09
C THR A 312 -19.71 15.09 -1.13
N THR A 313 -19.12 15.48 -2.27
CA THR A 313 -17.67 15.58 -2.37
C THR A 313 -17.21 17.04 -2.51
N ALA A 314 -16.44 17.50 -1.54
CA ALA A 314 -15.84 18.85 -1.61
C ALA A 314 -14.37 18.78 -2.07
N LYS A 315 -14.04 19.55 -3.08
CA LYS A 315 -12.73 19.39 -3.73
C LYS A 315 -11.76 20.54 -3.46
N SER A 316 -10.48 20.19 -3.24
CA SER A 316 -9.40 21.18 -3.18
C SER A 316 -8.11 20.51 -3.64
N SER A 317 -7.09 21.32 -3.86
CA SER A 317 -5.89 20.81 -4.47
C SER A 317 -4.71 21.76 -4.22
N ILE A 318 -3.48 21.21 -4.19
CA ILE A 318 -2.25 21.99 -4.00
C ILE A 318 -1.35 21.69 -5.19
N THR A 319 -1.07 22.73 -5.99
CA THR A 319 -0.23 22.58 -7.18
C THR A 319 1.09 23.33 -6.96
N ILE A 320 2.18 22.64 -7.25
CA ILE A 320 3.50 23.21 -7.04
C ILE A 320 4.05 23.64 -8.39
N GLU A 321 4.25 24.92 -8.59
CA GLU A 321 4.73 25.41 -9.87
C GLU A 321 6.13 25.97 -9.73
N LEU A 322 7.01 25.62 -10.66
CA LEU A 322 8.41 26.02 -10.60
C LEU A 322 8.65 27.12 -11.61
N ASN A 323 8.96 28.32 -11.11
CA ASN A 323 8.95 29.56 -11.92
C ASN A 323 9.78 30.68 -11.29
N ALA B 2 -2.49 -0.19 -20.78
CA ALA B 2 -2.46 0.54 -19.48
C ALA B 2 -2.32 -0.43 -18.33
N ASN B 3 -1.58 -0.02 -17.31
CA ASN B 3 -1.36 -0.91 -16.18
C ASN B 3 -1.80 -0.28 -14.86
N PHE B 4 -1.88 -1.07 -13.82
CA PHE B 4 -2.49 -0.59 -12.59
C PHE B 4 -2.01 -1.41 -11.44
N ILE B 5 -2.05 -0.82 -10.25
CA ILE B 5 -1.87 -1.59 -9.02
C ILE B 5 -2.94 -1.09 -8.08
N GLU B 6 -3.65 -2.00 -7.41
CA GLU B 6 -4.76 -1.58 -6.60
C GLU B 6 -4.90 -2.43 -5.33
N LYS B 7 -5.15 -1.78 -4.19
CA LYS B 7 -5.48 -2.51 -2.98
C LYS B 7 -6.88 -3.05 -3.09
N ILE B 8 -7.05 -4.32 -2.74
CA ILE B 8 -8.38 -4.94 -2.76
C ILE B 8 -8.50 -5.81 -1.51
N THR B 9 -9.63 -6.48 -1.37
CA THR B 9 -9.78 -7.46 -0.30
C THR B 9 -9.97 -8.84 -0.94
N TYR B 10 -9.24 -9.85 -0.46
CA TYR B 10 -9.34 -11.19 -1.03
C TYR B 10 -9.77 -12.18 0.05
N LEU B 11 -11.04 -12.59 0.00
CA LEU B 11 -11.61 -13.46 1.02
C LEU B 11 -11.28 -12.93 2.42
N GLY B 12 -11.72 -11.73 2.73
CA GLY B 12 -11.54 -11.15 4.06
C GLY B 12 -10.13 -10.64 4.37
N THR B 13 -9.19 -10.83 3.44
CA THR B 13 -7.77 -10.50 3.69
C THR B 13 -7.24 -9.40 2.77
N PRO B 14 -6.46 -8.44 3.33
CA PRO B 14 -5.90 -7.45 2.40
C PRO B 14 -5.02 -8.10 1.36
N ALA B 15 -5.09 -7.60 0.12
CA ALA B 15 -4.31 -8.11 -0.99
C ALA B 15 -4.05 -7.02 -1.98
N ILE B 16 -3.16 -7.28 -2.95
CA ILE B 16 -2.85 -6.31 -3.97
C ILE B 16 -3.11 -6.90 -5.34
N LYS B 17 -3.91 -6.23 -6.16
CA LYS B 17 -4.13 -6.63 -7.54
C LYS B 17 -3.25 -5.75 -8.43
N ALA B 18 -2.57 -6.35 -9.40
CA ALA B 18 -1.74 -5.55 -10.30
C ALA B 18 -1.65 -6.21 -11.67
N GLY B 19 -1.59 -5.42 -12.73
CA GLY B 19 -1.45 -6.00 -14.02
C GLY B 19 -1.47 -5.02 -15.15
N ASN B 20 -1.66 -5.54 -16.34
CA ASN B 20 -1.75 -4.71 -17.52
C ASN B 20 -2.84 -5.32 -18.40
N GLU B 21 -2.80 -5.05 -19.69
CA GLU B 21 -3.77 -5.61 -20.63
C GLU B 21 -3.60 -7.11 -20.91
N HIS B 22 -2.43 -7.68 -20.57
CA HIS B 22 -2.15 -9.10 -20.85
C HIS B 22 -2.38 -9.99 -19.65
N LEU B 23 -2.02 -9.51 -18.46
CA LEU B 23 -1.98 -10.34 -17.28
C LEU B 23 -2.31 -9.55 -16.02
N GLU B 24 -3.03 -10.16 -15.08
CA GLU B 24 -3.30 -9.58 -13.76
C GLU B 24 -2.98 -10.60 -12.67
N MET B 25 -2.24 -10.18 -11.64
CA MET B 25 -1.96 -11.02 -10.47
C MET B 25 -2.66 -10.50 -9.22
N ILE B 26 -2.80 -11.37 -8.23
CA ILE B 26 -3.17 -10.95 -6.89
C ILE B 26 -2.16 -11.55 -5.91
N VAL B 27 -1.50 -10.72 -5.12
CA VAL B 27 -0.62 -11.24 -4.05
C VAL B 27 -1.24 -10.90 -2.70
N VAL B 28 -1.14 -11.84 -1.77
CA VAL B 28 -1.76 -11.69 -0.47
C VAL B 28 -0.63 -11.73 0.57
N PRO B 29 -0.09 -10.56 0.92
CA PRO B 29 1.09 -10.46 1.80
C PRO B 29 0.96 -11.25 3.12
N GLU B 30 -0.22 -11.22 3.74
CA GLU B 30 -0.40 -11.91 5.03
C GLU B 30 -0.37 -13.44 4.96
N TRP B 31 -0.60 -13.97 3.76
CA TRP B 31 -0.58 -15.42 3.47
C TRP B 31 0.74 -15.84 2.87
N GLY B 32 1.83 -15.50 3.56
CA GLY B 32 3.18 -15.81 3.11
C GLY B 32 3.53 -15.24 1.74
N SER B 33 3.07 -14.00 1.47
CA SER B 33 3.22 -13.35 0.15
C SER B 33 2.86 -14.30 -0.99
N ASN B 34 1.70 -14.95 -0.86
CA ASN B 34 1.23 -15.85 -1.90
C ASN B 34 0.65 -15.13 -3.11
N VAL B 35 1.23 -15.34 -4.31
CA VAL B 35 0.54 -14.91 -5.53
C VAL B 35 -0.57 -15.94 -5.76
N ILE B 36 -1.76 -15.62 -5.26
CA ILE B 36 -2.95 -16.51 -5.22
C ILE B 36 -3.77 -16.59 -6.54
N SER B 37 -3.59 -15.63 -7.43
CA SER B 37 -4.39 -15.54 -8.66
C SER B 37 -3.51 -15.01 -9.76
N LEU B 38 -3.54 -15.65 -10.93
CA LEU B 38 -2.88 -15.12 -12.13
C LEU B 38 -3.80 -15.34 -13.34
N VAL B 39 -4.34 -14.28 -13.93
CA VAL B 39 -5.34 -14.39 -14.99
C VAL B 39 -4.84 -13.83 -16.29
N ASP B 40 -5.05 -14.58 -17.38
CA ASP B 40 -4.80 -14.05 -18.71
C ASP B 40 -5.99 -13.19 -19.07
N LYS B 41 -5.74 -11.93 -19.44
CA LYS B 41 -6.83 -10.96 -19.67
C LYS B 41 -7.50 -11.09 -21.02
N THR B 42 -6.73 -11.52 -22.03
CA THR B 42 -7.22 -11.67 -23.38
C THR B 42 -8.28 -12.76 -23.49
N THR B 43 -8.15 -13.84 -22.70
CA THR B 43 -9.09 -14.97 -22.77
C THR B 43 -9.92 -15.18 -21.49
N ASN B 44 -9.67 -14.37 -20.45
CA ASN B 44 -10.34 -14.48 -19.14
C ASN B 44 -10.18 -15.81 -18.40
N VAL B 45 -8.97 -16.35 -18.46
CA VAL B 45 -8.66 -17.64 -17.87
C VAL B 45 -7.82 -17.46 -16.59
N GLN B 46 -8.29 -18.03 -15.48
CA GLN B 46 -7.48 -18.24 -14.28
C GLN B 46 -6.38 -19.29 -14.54
N LEU B 47 -5.13 -18.98 -14.21
CA LEU B 47 -4.06 -19.97 -14.38
C LEU B 47 -3.70 -20.76 -13.14
N LEU B 48 -3.93 -20.18 -11.98
CA LEU B 48 -3.52 -20.80 -10.71
C LEU B 48 -4.73 -21.38 -10.00
N ARG B 49 -4.50 -22.44 -9.21
CA ARG B 49 -5.54 -22.99 -8.36
C ARG B 49 -5.82 -21.99 -7.21
N GLU B 50 -7.07 -21.52 -7.15
CA GLU B 50 -7.57 -20.65 -6.07
C GLU B 50 -8.30 -21.40 -4.98
N PRO B 51 -8.12 -20.99 -3.70
CA PRO B 51 -8.85 -21.60 -2.58
C PRO B 51 -10.31 -21.18 -2.59
N GLU B 52 -11.19 -22.05 -2.13
CA GLU B 52 -12.63 -21.78 -2.05
C GLU B 52 -12.95 -20.71 -1.00
N THR B 53 -12.31 -20.85 0.16
CA THR B 53 -12.57 -20.01 1.33
C THR B 53 -11.22 -19.73 1.97
N ALA B 54 -11.18 -18.77 2.90
CA ALA B 54 -9.98 -18.53 3.69
C ALA B 54 -9.61 -19.79 4.44
N GLU B 55 -10.62 -20.57 4.81
CA GLU B 55 -10.42 -21.81 5.56
C GLU B 55 -9.72 -22.92 4.79
N SER B 56 -10.18 -23.21 3.57
CA SER B 56 -9.48 -24.17 2.72
C SER B 56 -8.02 -23.75 2.49
N PHE B 57 -7.76 -22.46 2.30
CA PHE B 57 -6.38 -22.02 2.10
C PHE B 57 -5.54 -22.31 3.35
N HIS B 58 -6.00 -21.85 4.51
CA HIS B 58 -5.31 -22.13 5.78
C HIS B 58 -5.12 -23.61 6.07
N ASP B 59 -6.04 -24.44 5.61
CA ASP B 59 -5.90 -25.92 5.69
C ASP B 59 -4.68 -26.44 4.93
N THR B 60 -4.47 -25.97 3.70
CA THR B 60 -3.33 -26.42 2.89
C THR B 60 -2.72 -25.23 2.13
N PRO B 61 -1.98 -24.35 2.84
CA PRO B 61 -1.42 -23.14 2.24
C PRO B 61 -0.29 -23.41 1.21
N THR B 62 0.15 -24.66 1.05
CA THR B 62 1.17 -24.96 0.00
C THR B 62 0.55 -25.49 -1.31
N LEU B 63 -0.78 -25.53 -1.37
CA LEU B 63 -1.45 -26.15 -2.50
C LEU B 63 -2.36 -25.18 -3.27
N TYR B 64 -2.07 -23.87 -3.17
CA TYR B 64 -2.79 -22.82 -3.89
C TYR B 64 -1.79 -21.76 -4.35
N GLY B 65 -2.11 -21.07 -5.43
CA GLY B 65 -1.31 -19.93 -5.90
C GLY B 65 0.18 -20.25 -6.00
N ILE B 66 1.01 -19.35 -5.47
CA ILE B 66 2.44 -19.57 -5.53
C ILE B 66 3.04 -19.45 -4.13
N PRO B 67 3.01 -20.56 -3.36
CA PRO B 67 3.60 -20.57 -2.00
C PRO B 67 5.09 -20.50 -2.07
N ILE B 68 5.66 -19.83 -1.08
CA ILE B 68 7.11 -19.70 -0.98
C ILE B 68 7.69 -20.76 -0.04
N LEU B 69 8.67 -21.52 -0.55
CA LEU B 69 9.31 -22.61 0.24
C LEU B 69 10.77 -22.29 0.61
N PHE B 70 10.96 -21.84 1.83
CA PHE B 70 12.26 -21.39 2.32
C PHE B 70 12.60 -22.07 3.66
N PRO B 71 13.34 -23.19 3.61
CA PRO B 71 13.81 -23.84 2.38
C PRO B 71 12.77 -24.86 1.85
N PRO B 72 12.99 -25.35 0.61
CA PRO B 72 11.95 -26.15 -0.02
C PRO B 72 12.08 -27.62 0.36
N ASN B 73 10.92 -28.26 0.48
CA ASN B 73 10.82 -29.71 0.65
C ASN B 73 11.52 -30.16 1.95
N ARG B 74 11.98 -31.41 1.98
CA ARG B 74 12.30 -32.09 3.24
C ARG B 74 13.74 -31.91 3.75
N ILE B 75 13.87 -31.87 5.07
CA ILE B 75 15.16 -32.02 5.76
C ILE B 75 14.98 -33.14 6.79
N SER B 76 15.76 -34.22 6.63
CA SER B 76 15.63 -35.41 7.50
C SER B 76 15.75 -35.04 8.97
N ASP B 77 14.74 -35.48 9.74
CA ASP B 77 14.69 -35.30 11.20
C ASP B 77 14.83 -33.83 11.60
N GLY B 78 14.51 -32.97 10.64
CA GLY B 78 14.77 -31.53 10.73
C GLY B 78 16.19 -31.18 11.15
N THR B 79 17.13 -32.11 11.00
CA THR B 79 18.45 -31.93 11.55
C THR B 79 19.50 -31.87 10.49
N PHE B 80 20.49 -31.00 10.71
CA PHE B 80 21.67 -30.93 9.87
C PHE B 80 22.78 -30.15 10.56
N SER B 81 23.97 -30.29 10.00
CA SER B 81 25.17 -29.69 10.53
C SER B 81 25.64 -28.67 9.52
N PHE B 82 26.03 -27.50 10.02
CA PHE B 82 26.63 -26.48 9.18
C PHE B 82 27.76 -25.79 9.92
N ARG B 83 28.95 -25.87 9.34
CA ARG B 83 30.15 -25.23 9.88
C ARG B 83 30.29 -25.40 11.40
N GLY B 84 30.26 -26.67 11.82
CA GLY B 84 30.40 -27.05 13.22
C GLY B 84 29.21 -26.74 14.12
N ARG B 85 28.04 -26.55 13.51
CA ARG B 85 26.81 -26.30 14.29
C ARG B 85 25.62 -27.15 13.83
N THR B 86 24.90 -27.70 14.80
CA THR B 86 23.73 -28.56 14.57
C THR B 86 22.43 -27.77 14.68
N TYR B 87 21.56 -27.91 13.67
CA TYR B 87 20.28 -27.19 13.58
C TYR B 87 19.12 -28.13 13.79
N HIS B 88 18.06 -27.64 14.43
CA HIS B 88 16.82 -28.42 14.59
C HIS B 88 15.58 -27.64 14.19
N PHE B 89 15.13 -27.84 12.93
CA PHE B 89 13.86 -27.28 12.43
C PHE B 89 12.71 -28.20 12.86
N ASP B 90 11.53 -27.63 13.06
CA ASP B 90 10.35 -28.37 13.54
C ASP B 90 10.02 -29.49 12.59
N ILE B 91 9.69 -30.63 13.18
CA ILE B 91 9.27 -31.81 12.43
C ILE B 91 7.75 -31.77 12.23
N ASN B 92 7.36 -31.29 11.05
CA ASN B 92 5.96 -31.17 10.70
C ASN B 92 5.42 -32.32 9.82
N GLU B 93 6.32 -33.16 9.29
CA GLU B 93 5.91 -34.34 8.53
C GLU B 93 6.10 -35.58 9.43
N LYS B 94 5.04 -35.86 10.19
CA LYS B 94 5.07 -36.85 11.27
C LYS B 94 5.53 -38.22 10.78
N ASP B 95 4.76 -38.79 9.83
CA ASP B 95 4.97 -40.18 9.39
C ASP B 95 6.34 -40.43 8.73
N LYS B 96 7.02 -39.36 8.33
CA LYS B 96 8.31 -39.49 7.65
C LYS B 96 9.45 -38.86 8.45
N HIS B 97 9.13 -38.21 9.56
CA HIS B 97 10.13 -37.57 10.42
C HIS B 97 10.98 -36.55 9.72
N ASN B 98 10.31 -35.72 8.92
CA ASN B 98 10.96 -34.62 8.25
C ASN B 98 10.44 -33.24 8.63
N HIS B 99 11.33 -32.25 8.57
CA HIS B 99 10.87 -30.89 8.37
C HIS B 99 10.48 -30.79 6.92
N LEU B 100 9.36 -30.13 6.67
CA LEU B 100 8.83 -30.00 5.31
C LEU B 100 8.46 -28.53 4.98
N HIS B 101 9.11 -27.98 3.94
CA HIS B 101 8.69 -26.75 3.22
C HIS B 101 9.01 -25.40 3.83
N GLY B 102 9.77 -25.41 4.91
CA GLY B 102 10.34 -24.16 5.42
C GLY B 102 9.49 -23.27 6.32
N PHE B 103 9.92 -22.01 6.43
CA PHE B 103 9.43 -21.10 7.46
C PHE B 103 8.37 -20.08 7.00
N LEU B 104 8.28 -19.84 5.69
CA LEU B 104 7.70 -18.55 5.23
C LEU B 104 6.31 -18.58 4.56
N TYR B 105 5.78 -19.76 4.25
CA TYR B 105 4.51 -19.91 3.48
C TYR B 105 3.23 -19.64 4.28
N HIS B 106 3.32 -19.57 5.62
CA HIS B 106 2.16 -19.12 6.42
C HIS B 106 2.49 -18.06 7.44
N GLU B 107 3.42 -17.19 7.07
CA GLU B 107 3.78 -16.01 7.86
C GLU B 107 3.37 -14.75 7.11
N LYS B 108 3.20 -13.67 7.86
CA LYS B 108 2.77 -12.39 7.32
C LYS B 108 3.98 -11.61 6.81
N TRP B 109 3.99 -11.35 5.52
CA TRP B 109 5.06 -10.55 4.91
C TRP B 109 4.59 -9.13 4.87
N ASN B 110 5.53 -8.19 4.82
CA ASN B 110 5.23 -6.77 4.65
C ASN B 110 5.32 -6.35 3.19
N VAL B 111 4.52 -5.36 2.81
CA VAL B 111 4.65 -4.77 1.49
C VAL B 111 5.66 -3.66 1.68
N VAL B 112 6.71 -3.66 0.88
CA VAL B 112 7.69 -2.61 1.00
C VAL B 112 7.33 -1.42 0.09
N THR B 113 6.90 -1.72 -1.12
CA THR B 113 6.58 -0.68 -2.11
C THR B 113 5.76 -1.28 -3.25
N THR B 114 4.96 -0.44 -3.86
CA THR B 114 4.28 -0.79 -5.12
C THR B 114 4.64 0.33 -6.09
N LYS B 115 5.07 -0.02 -7.30
CA LYS B 115 5.57 0.97 -8.25
C LYS B 115 4.97 0.72 -9.63
N GLN B 116 4.40 1.77 -10.21
CA GLN B 116 3.85 1.69 -11.56
C GLN B 116 4.74 2.54 -12.46
N THR B 117 5.22 1.96 -13.54
CA THR B 117 6.00 2.70 -14.51
C THR B 117 5.30 2.51 -15.83
N ASP B 118 5.73 3.21 -16.87
CA ASP B 118 5.10 3.00 -18.17
C ASP B 118 5.37 1.59 -18.75
N GLU B 119 6.45 0.96 -18.29
CA GLU B 119 6.83 -0.39 -18.72
C GLU B 119 6.08 -1.54 -18.04
N GLY B 120 5.67 -1.36 -16.80
CA GLY B 120 5.03 -2.42 -16.06
C GLY B 120 4.87 -2.09 -14.59
N VAL B 121 4.46 -3.08 -13.81
CA VAL B 121 4.12 -2.79 -12.44
C VAL B 121 4.97 -3.65 -11.55
N ILE B 122 5.34 -3.12 -10.39
CA ILE B 122 6.18 -3.85 -9.46
C ILE B 122 5.49 -3.88 -8.09
N VAL B 123 5.50 -5.04 -7.47
CA VAL B 123 5.07 -5.16 -6.10
C VAL B 123 6.21 -5.87 -5.39
N GLU B 124 6.72 -5.26 -4.32
CA GLU B 124 7.76 -5.86 -3.47
C GLU B 124 7.22 -6.19 -2.10
N THR B 125 7.41 -7.45 -1.71
CA THR B 125 7.14 -7.88 -0.34
C THR B 125 8.42 -8.35 0.34
N GLU B 126 8.40 -8.42 1.66
CA GLU B 126 9.58 -8.74 2.43
C GLU B 126 9.20 -9.27 3.80
N ILE B 127 10.03 -10.16 4.30
CA ILE B 127 9.90 -10.65 5.63
C ILE B 127 11.31 -10.82 6.21
N ASP B 128 11.46 -10.48 7.48
CA ASP B 128 12.74 -10.50 8.18
C ASP B 128 12.64 -11.57 9.24
N LEU B 129 13.40 -12.65 9.05
CA LEU B 129 13.31 -13.84 9.88
C LEU B 129 13.65 -13.58 11.37
N SER B 130 14.51 -12.58 11.61
CA SER B 130 14.93 -12.20 12.98
C SER B 130 13.77 -11.61 13.78
N GLU B 131 12.69 -11.26 13.07
CA GLU B 131 11.45 -10.79 13.70
C GLU B 131 10.45 -11.92 13.98
N LEU B 132 10.88 -13.16 13.76
CA LEU B 132 10.01 -14.31 13.95
C LEU B 132 10.65 -15.17 15.04
N PRO B 133 10.26 -14.93 16.32
CA PRO B 133 10.98 -15.58 17.44
C PRO B 133 11.01 -17.11 17.31
N HIS B 134 9.89 -17.72 16.96
CA HIS B 134 9.83 -19.16 16.78
C HIS B 134 10.77 -19.65 15.69
N VAL B 135 10.79 -18.96 14.55
CA VAL B 135 11.77 -19.25 13.50
C VAL B 135 13.22 -19.12 14.02
N GLN B 136 13.47 -18.09 14.83
CA GLN B 136 14.79 -17.86 15.43
C GLN B 136 15.27 -19.05 16.28
N LYS B 137 14.34 -19.65 17.03
CA LYS B 137 14.61 -20.86 17.83
C LYS B 137 15.24 -21.94 16.96
N GLN B 138 14.73 -22.08 15.74
CA GLN B 138 15.18 -23.11 14.83
C GLN B 138 16.38 -22.69 13.96
N PHE B 139 16.41 -21.42 13.55
CA PHE B 139 17.42 -20.92 12.61
C PHE B 139 17.82 -19.53 13.07
N PRO B 140 18.79 -19.44 14.03
CA PRO B 140 19.15 -18.16 14.63
C PRO B 140 20.12 -17.39 13.74
N HIS B 141 19.60 -16.91 12.62
CA HIS B 141 20.36 -16.06 11.74
C HIS B 141 19.47 -14.92 11.31
N HIS B 142 20.10 -13.81 10.95
CA HIS B 142 19.36 -12.67 10.47
C HIS B 142 19.22 -12.76 8.95
N ALA B 143 18.36 -13.68 8.51
CA ALA B 143 17.99 -13.77 7.08
C ALA B 143 16.79 -12.86 6.77
N VAL B 144 16.86 -12.23 5.60
CA VAL B 144 15.80 -11.36 5.14
C VAL B 144 15.53 -11.78 3.71
N VAL B 145 14.26 -11.99 3.37
CA VAL B 145 13.89 -12.40 2.02
C VAL B 145 12.88 -11.40 1.44
N ARG B 146 13.21 -10.87 0.27
CA ARG B 146 12.36 -9.92 -0.45
C ARG B 146 11.88 -10.52 -1.79
N MET B 147 10.57 -10.46 -2.04
CA MET B 147 10.05 -10.82 -3.34
C MET B 147 9.79 -9.56 -4.15
N THR B 148 10.28 -9.54 -5.39
CA THR B 148 9.96 -8.51 -6.36
C THR B 148 9.16 -9.12 -7.51
N TYR B 149 7.89 -8.74 -7.59
CA TYR B 149 7.00 -9.22 -8.61
C TYR B 149 6.82 -8.13 -9.63
N THR B 150 7.12 -8.45 -10.89
CA THR B 150 7.06 -7.46 -11.96
C THR B 150 6.20 -8.03 -13.08
N ILE B 151 5.15 -7.33 -13.48
CA ILE B 151 4.46 -7.71 -14.69
C ILE B 151 4.78 -6.69 -15.79
N LYS B 152 5.36 -7.18 -16.89
CA LYS B 152 5.63 -6.41 -18.10
C LYS B 152 5.21 -7.30 -19.26
N GLU B 153 4.52 -6.74 -20.25
CA GLU B 153 3.98 -7.55 -21.37
C GLU B 153 3.19 -8.75 -20.82
N ASN B 154 3.54 -9.94 -21.29
CA ASN B 154 2.83 -11.17 -20.92
C ASN B 154 3.64 -12.07 -19.96
N THR B 155 4.50 -11.44 -19.17
CA THR B 155 5.32 -12.19 -18.23
C THR B 155 5.11 -11.62 -16.82
N LEU B 156 4.99 -12.54 -15.86
CA LEU B 156 5.19 -12.20 -14.47
C LEU B 156 6.63 -12.61 -14.13
N PHE B 157 7.50 -11.64 -13.83
CA PHE B 157 8.79 -11.96 -13.26
C PHE B 157 8.65 -12.04 -11.74
N LYS B 158 9.30 -13.02 -11.15
CA LYS B 158 9.11 -13.40 -9.77
C LYS B 158 10.55 -13.60 -9.24
N HIS B 159 11.10 -12.56 -8.60
CA HIS B 159 12.52 -12.55 -8.15
C HIS B 159 12.68 -12.62 -6.64
N ALA B 160 13.57 -13.48 -6.16
CA ALA B 160 13.84 -13.58 -4.70
C ALA B 160 15.23 -13.09 -4.34
N THR B 161 15.28 -12.06 -3.49
CA THR B 161 16.55 -11.57 -3.01
C THR B 161 16.69 -12.02 -1.57
N VAL B 162 17.67 -12.90 -1.34
CA VAL B 162 17.99 -13.40 -0.01
C VAL B 162 19.21 -12.65 0.54
N MET B 163 19.07 -12.16 1.77
CA MET B 163 20.07 -11.27 2.38
C MET B 163 20.53 -11.84 3.71
N ASN B 164 21.83 -11.74 3.97
CA ASN B 164 22.39 -12.05 5.30
C ASN B 164 22.77 -10.76 6.00
N LYS B 165 21.92 -10.32 6.92
CA LYS B 165 22.17 -9.08 7.67
C LYS B 165 22.75 -9.33 9.08
N GLY B 166 23.01 -10.59 9.43
CA GLY B 166 23.54 -10.92 10.77
C GLY B 166 25.05 -11.11 10.88
N LYS B 167 25.46 -11.78 11.95
CA LYS B 167 26.88 -11.88 12.30
C LYS B 167 27.56 -13.15 11.77
N GLU B 168 26.77 -14.18 11.43
CA GLU B 168 27.32 -15.44 10.94
C GLU B 168 26.82 -15.82 9.56
N ALA B 169 27.61 -16.64 8.86
CA ALA B 169 27.23 -17.29 7.59
C ALA B 169 26.10 -18.29 7.79
N PHE B 170 25.21 -18.41 6.80
CA PHE B 170 24.17 -19.43 6.87
C PHE B 170 23.89 -20.02 5.49
N PRO B 171 23.38 -21.28 5.44
CA PRO B 171 23.04 -21.93 4.18
C PRO B 171 21.57 -21.69 3.86
N TRP B 172 21.23 -21.67 2.58
CA TRP B 172 19.86 -21.34 2.19
C TRP B 172 19.52 -21.92 0.84
N GLY B 173 18.25 -22.24 0.69
CA GLY B 173 17.69 -22.58 -0.61
C GLY B 173 16.26 -22.06 -0.60
N ILE B 174 15.72 -21.82 -1.80
CA ILE B 174 14.33 -21.42 -1.97
C ILE B 174 13.71 -22.22 -3.10
N GLY B 175 12.41 -22.48 -2.99
CA GLY B 175 11.61 -23.00 -4.12
C GLY B 175 10.20 -22.41 -4.10
N TYR B 176 9.38 -22.73 -5.09
CA TYR B 176 7.99 -22.28 -5.13
C TYR B 176 7.08 -23.49 -5.33
N HIS B 177 6.00 -23.58 -4.55
CA HIS B 177 5.04 -24.67 -4.70
C HIS B 177 3.94 -24.32 -5.68
N THR B 178 4.31 -23.61 -6.75
CA THR B 178 3.42 -23.09 -7.78
C THR B 178 2.39 -24.11 -8.25
N THR B 179 1.12 -23.75 -8.10
CA THR B 179 0.04 -24.68 -8.35
C THR B 179 -0.89 -24.24 -9.48
N PHE B 180 -0.72 -24.82 -10.67
CA PHE B 180 -1.51 -24.47 -11.85
C PHE B 180 -2.74 -25.34 -12.01
N ILE B 181 -3.84 -24.77 -12.51
CA ILE B 181 -4.98 -25.55 -13.01
C ILE B 181 -4.48 -26.44 -14.17
N PHE B 182 -4.81 -27.73 -14.12
CA PHE B 182 -4.30 -28.71 -15.12
C PHE B 182 -5.35 -29.81 -15.32
N PRO B 183 -6.26 -29.64 -16.30
CA PRO B 183 -7.30 -30.62 -16.64
C PRO B 183 -6.69 -31.86 -17.30
N ALA B 184 -6.70 -32.97 -16.56
CA ALA B 184 -6.08 -34.23 -16.98
C ALA B 184 -6.39 -34.62 -18.43
N GLU B 185 -7.64 -34.37 -18.87
CA GLU B 185 -8.08 -34.75 -20.21
C GLU B 185 -7.39 -34.02 -21.38
N SER B 186 -7.11 -32.71 -21.23
CA SER B 186 -6.73 -31.84 -22.36
C SER B 186 -5.51 -30.90 -22.16
N SER B 187 -4.54 -31.31 -21.34
CA SER B 187 -3.38 -30.47 -21.08
C SER B 187 -2.08 -31.23 -21.15
N LEU B 188 -1.04 -30.56 -21.62
CA LEU B 188 0.27 -31.18 -21.73
C LEU B 188 1.31 -30.47 -20.86
N PHE B 189 2.41 -31.17 -20.61
CA PHE B 189 3.51 -30.72 -19.77
C PHE B 189 4.88 -31.11 -20.36
N SER B 190 5.83 -30.19 -20.40
CA SER B 190 7.22 -30.50 -20.71
C SER B 190 8.15 -29.99 -19.58
N LEU B 191 9.38 -30.49 -19.56
CA LEU B 191 10.38 -30.16 -18.55
C LEU B 191 11.81 -30.46 -19.02
N THR B 192 12.67 -29.45 -18.96
CA THR B 192 14.11 -29.58 -19.23
C THR B 192 14.82 -30.37 -18.11
N ALA B 193 14.71 -31.69 -18.21
CA ALA B 193 15.34 -32.62 -17.29
C ALA B 193 15.58 -33.96 -18.01
N ASP B 194 16.77 -34.52 -17.85
CA ASP B 194 17.12 -35.84 -18.40
C ASP B 194 17.17 -36.89 -17.30
N GLN B 195 17.49 -36.46 -16.08
CA GLN B 195 17.66 -37.36 -14.95
C GLN B 195 16.75 -36.98 -13.78
N GLN B 196 16.71 -37.82 -12.76
CA GLN B 196 16.02 -37.51 -11.51
C GLN B 196 16.71 -38.15 -10.30
N TRP B 197 16.40 -37.64 -9.11
CA TRP B 197 16.92 -38.21 -7.84
C TRP B 197 16.09 -39.39 -7.42
N GLU B 198 16.77 -40.50 -7.14
CA GLU B 198 16.09 -41.63 -6.55
C GLU B 198 15.74 -41.24 -5.13
N LEU B 199 14.49 -41.50 -4.76
CA LEU B 199 13.97 -41.19 -3.44
C LEU B 199 13.74 -42.46 -2.63
N ASP B 200 14.06 -42.43 -1.34
CA ASP B 200 13.65 -43.51 -0.43
C ASP B 200 12.16 -43.34 -0.05
N GLU B 201 11.68 -44.14 0.90
CA GLU B 201 10.23 -44.12 1.23
C GLU B 201 9.85 -42.97 2.17
N ARG B 202 10.86 -42.26 2.66
CA ARG B 202 10.68 -41.02 3.43
C ARG B 202 10.84 -39.83 2.47
N LEU B 203 10.76 -40.14 1.18
CA LEU B 203 10.95 -39.19 0.06
C LEU B 203 12.26 -38.37 0.12
N LEU B 204 13.29 -38.96 0.71
CA LEU B 204 14.59 -38.33 0.78
C LEU B 204 15.48 -38.97 -0.28
N PRO B 205 16.31 -38.16 -0.97
CA PRO B 205 17.13 -38.75 -2.03
C PRO B 205 18.07 -39.81 -1.43
N THR B 206 18.40 -40.82 -2.22
CA THR B 206 19.38 -41.79 -1.81
C THR B 206 20.77 -41.22 -2.12
N GLY B 207 20.81 -40.31 -3.08
CA GLY B 207 22.06 -39.74 -3.58
C GLY B 207 22.30 -40.22 -5.00
N LYS B 208 21.61 -41.29 -5.38
CA LYS B 208 21.71 -41.79 -6.74
C LYS B 208 20.80 -41.02 -7.69
N LEU B 209 21.36 -40.69 -8.85
CA LEU B 209 20.63 -40.15 -9.98
C LEU B 209 20.28 -41.31 -10.91
N MET B 210 19.21 -41.15 -11.69
CA MET B 210 18.79 -42.15 -12.66
C MET B 210 18.23 -41.47 -13.90
N ASP B 211 18.23 -42.21 -15.00
CA ASP B 211 17.53 -41.79 -16.20
C ASP B 211 16.03 -41.70 -15.97
N VAL B 212 15.44 -40.65 -16.55
CA VAL B 212 14.00 -40.52 -16.66
C VAL B 212 13.62 -41.37 -17.86
N PRO B 213 12.88 -42.49 -17.63
CA PRO B 213 12.58 -43.47 -18.69
C PRO B 213 11.86 -42.85 -19.89
N TYR B 214 11.07 -41.79 -19.66
CA TYR B 214 10.25 -41.20 -20.71
C TYR B 214 10.73 -39.81 -21.14
N LYS B 215 12.02 -39.55 -20.96
CA LYS B 215 12.56 -38.19 -21.09
C LYS B 215 12.24 -37.52 -22.42
N GLU B 216 12.16 -38.29 -23.50
CA GLU B 216 11.89 -37.70 -24.81
C GLU B 216 10.49 -37.09 -24.87
N ALA B 217 9.50 -37.84 -24.40
CA ALA B 217 8.16 -37.32 -24.18
C ALA B 217 8.13 -36.11 -23.21
N LEU B 218 8.91 -36.19 -22.13
CA LEU B 218 9.02 -35.11 -21.16
C LEU B 218 9.51 -33.79 -21.79
N HIS B 219 10.43 -33.86 -22.74
CA HIS B 219 10.97 -32.66 -23.41
C HIS B 219 10.04 -32.11 -24.42
N GLU B 220 9.30 -32.98 -25.10
CA GLU B 220 8.39 -32.56 -26.17
C GLU B 220 6.99 -32.19 -25.67
N GLY B 221 6.59 -32.80 -24.56
CA GLY B 221 5.28 -32.58 -24.00
C GLY B 221 4.51 -33.87 -24.00
N MET B 222 3.93 -34.21 -22.85
CA MET B 222 3.21 -35.45 -22.68
C MET B 222 1.95 -35.16 -21.88
N ASP B 223 0.96 -36.03 -21.95
CA ASP B 223 -0.22 -35.91 -21.07
C ASP B 223 0.06 -36.59 -19.72
N LEU B 224 -0.84 -36.41 -18.76
CA LEU B 224 -0.67 -36.99 -17.42
C LEU B 224 -1.89 -37.76 -16.92
N ARG B 225 -2.70 -38.29 -17.84
CA ARG B 225 -3.77 -39.20 -17.47
C ARG B 225 -3.12 -40.48 -16.94
N HIS B 226 -3.62 -40.97 -15.81
CA HIS B 226 -3.08 -42.17 -15.14
C HIS B 226 -1.80 -41.95 -14.38
N LYS B 227 -0.85 -41.21 -14.95
CA LYS B 227 0.41 -40.87 -14.26
C LYS B 227 0.19 -40.00 -13.00
N GLN B 228 0.99 -40.30 -11.97
CA GLN B 228 0.92 -39.63 -10.68
C GLN B 228 2.34 -39.38 -10.21
N LEU B 229 2.62 -38.13 -9.85
CA LEU B 229 4.00 -37.69 -9.68
C LEU B 229 4.27 -37.01 -8.35
N ASP B 230 5.44 -37.33 -7.78
CA ASP B 230 5.97 -36.64 -6.63
C ASP B 230 7.48 -36.76 -6.73
N ASP B 231 8.02 -36.31 -7.87
CA ASP B 231 9.37 -36.64 -8.30
C ASP B 231 10.31 -35.45 -8.28
N VAL B 232 11.57 -35.73 -7.98
CA VAL B 232 12.58 -34.69 -7.92
C VAL B 232 13.51 -34.76 -9.14
N PHE B 233 13.23 -33.94 -10.14
CA PHE B 233 14.05 -33.91 -11.37
C PHE B 233 15.29 -33.03 -11.25
N LEU B 234 16.35 -33.46 -11.94
CA LEU B 234 17.54 -32.64 -12.12
C LEU B 234 17.41 -31.83 -13.41
N SER B 235 17.59 -30.52 -13.28
CA SER B 235 17.51 -29.64 -14.42
C SER B 235 18.68 -29.94 -15.40
N SER B 236 18.36 -30.20 -16.66
CA SER B 236 19.39 -30.54 -17.67
C SER B 236 20.43 -29.45 -17.92
N TYR B 237 20.08 -28.23 -17.52
CA TYR B 237 20.83 -27.03 -17.85
C TYR B 237 22.31 -27.19 -17.48
N GLN B 238 22.54 -27.59 -16.25
CA GLN B 238 23.88 -27.81 -15.70
C GLN B 238 24.79 -28.61 -16.67
N LYS B 239 24.31 -29.76 -17.12
CA LYS B 239 25.13 -30.62 -17.98
C LYS B 239 24.98 -30.35 -19.48
N ARG B 240 23.78 -29.92 -19.90
CA ARG B 240 23.47 -29.80 -21.33
C ARG B 240 23.51 -28.38 -21.90
N GLY B 241 23.40 -27.37 -21.03
CA GLY B 241 23.14 -25.99 -21.46
C GLY B 241 21.70 -25.89 -21.93
N GLY B 242 21.40 -24.89 -22.74
CA GLY B 242 20.03 -24.72 -23.23
C GLY B 242 19.13 -24.09 -22.18
N GLU B 243 17.85 -24.48 -22.17
CA GLU B 243 16.84 -23.85 -21.32
C GLU B 243 16.73 -24.51 -19.95
N ASN B 244 16.02 -23.85 -19.05
CA ASN B 244 15.63 -24.40 -17.76
C ASN B 244 14.22 -23.90 -17.53
N GLN B 245 13.24 -24.76 -17.79
CA GLN B 245 11.85 -24.32 -17.74
C GLN B 245 10.88 -25.48 -17.82
N ALA B 246 9.73 -25.29 -17.17
CA ALA B 246 8.57 -26.17 -17.36
C ALA B 246 7.61 -25.44 -18.31
N VAL B 247 6.92 -26.19 -19.16
CA VAL B 247 5.84 -25.66 -20.01
C VAL B 247 4.55 -26.43 -19.67
N ILE B 248 3.44 -25.69 -19.56
CA ILE B 248 2.11 -26.30 -19.56
C ILE B 248 1.39 -25.76 -20.77
N TYR B 249 0.77 -26.64 -21.56
CA TYR B 249 -0.03 -26.23 -22.69
C TYR B 249 -1.50 -26.66 -22.52
N HIS B 250 -2.41 -25.68 -22.55
CA HIS B 250 -3.86 -25.91 -22.49
C HIS B 250 -4.38 -25.92 -23.90
N GLN B 251 -4.98 -27.03 -24.31
CA GLN B 251 -5.27 -27.28 -25.73
C GLN B 251 -6.47 -26.51 -26.31
N HIS B 252 -7.49 -26.25 -25.52
CA HIS B 252 -8.71 -25.66 -26.09
C HIS B 252 -8.54 -24.19 -26.38
N ALA B 253 -8.13 -23.44 -25.35
CA ALA B 253 -7.92 -22.02 -25.44
C ALA B 253 -6.59 -21.66 -26.09
N HIS B 254 -5.75 -22.68 -26.33
CA HIS B 254 -4.45 -22.52 -27.00
C HIS B 254 -3.49 -21.64 -26.23
N ILE B 255 -3.36 -21.94 -24.93
CA ILE B 255 -2.51 -21.16 -24.03
C ILE B 255 -1.27 -21.96 -23.63
N SER B 256 -0.10 -21.42 -23.96
CA SER B 256 1.15 -21.95 -23.45
C SER B 256 1.56 -21.17 -22.18
N ILE B 257 1.92 -21.90 -21.12
CA ILE B 257 2.48 -21.32 -19.90
C ILE B 257 3.96 -21.68 -19.80
N ILE B 258 4.87 -20.71 -20.01
CA ILE B 258 6.32 -20.97 -19.93
C ILE B 258 6.89 -20.48 -18.59
N TYR B 259 7.29 -21.44 -17.75
CA TYR B 259 7.76 -21.18 -16.40
C TYR B 259 9.29 -21.34 -16.38
N LYS B 260 10.02 -20.24 -16.59
CA LYS B 260 11.49 -20.25 -16.66
C LYS B 260 12.12 -19.96 -15.28
N ALA B 261 13.31 -20.52 -15.05
CA ALA B 261 14.04 -20.28 -13.82
C ALA B 261 15.52 -20.13 -14.16
N ASP B 262 16.23 -19.30 -13.41
CA ASP B 262 17.65 -19.09 -13.73
C ASP B 262 18.52 -20.30 -13.32
N GLU B 263 19.82 -20.20 -13.61
CA GLU B 263 20.78 -21.28 -13.35
C GLU B 263 20.83 -21.73 -11.88
N GLN B 264 20.30 -20.92 -10.98
CA GLN B 264 20.27 -21.32 -9.57
C GLN B 264 19.23 -22.38 -9.29
N PHE B 265 18.20 -22.44 -10.13
CA PHE B 265 17.16 -23.44 -9.97
C PHE B 265 17.59 -24.77 -10.62
N LYS B 266 18.39 -25.52 -9.86
CA LYS B 266 19.08 -26.72 -10.35
C LYS B 266 18.19 -27.98 -10.32
N HIS B 267 17.06 -27.90 -9.62
CA HIS B 267 16.12 -29.03 -9.51
C HIS B 267 14.70 -28.61 -9.69
N TRP B 268 13.87 -29.51 -10.20
CA TRP B 268 12.41 -29.31 -10.26
C TRP B 268 11.67 -30.47 -9.64
N VAL B 269 10.84 -30.19 -8.65
CA VAL B 269 9.86 -31.17 -8.15
C VAL B 269 8.56 -31.04 -8.92
N VAL B 270 8.04 -32.16 -9.41
CA VAL B 270 6.74 -32.17 -10.04
C VAL B 270 5.80 -33.01 -9.17
N TYR B 271 4.68 -32.39 -8.79
CA TYR B 271 3.68 -33.00 -7.91
C TYR B 271 2.26 -32.76 -8.42
N ASN B 272 1.45 -33.81 -8.50
CA ASN B 272 0.02 -33.74 -8.89
C ASN B 272 -0.96 -34.58 -8.02
N ALA B 273 -0.51 -34.97 -6.82
CA ALA B 273 -1.31 -35.78 -5.88
C ALA B 273 -1.66 -37.15 -6.50
N ASP B 274 -2.96 -37.44 -6.65
CA ASP B 274 -3.40 -38.70 -7.25
C ASP B 274 -3.73 -38.57 -8.74
N GLY B 275 -3.58 -37.36 -9.29
CA GLY B 275 -3.90 -37.12 -10.70
C GLY B 275 -5.38 -36.94 -11.02
N LYS B 276 -6.22 -36.83 -9.99
CA LYS B 276 -7.67 -36.60 -10.14
C LYS B 276 -8.12 -35.21 -9.71
N GLN B 277 -7.16 -34.39 -9.27
CA GLN B 277 -7.45 -33.12 -8.58
C GLN B 277 -7.39 -31.88 -9.48
N GLY B 278 -7.26 -32.08 -10.79
CA GLY B 278 -7.25 -30.98 -11.75
C GLY B 278 -6.15 -29.93 -11.58
N TYR B 279 -5.05 -30.31 -10.94
CA TYR B 279 -3.94 -29.38 -10.75
C TYR B 279 -2.54 -30.02 -10.88
N LEU B 280 -1.53 -29.17 -11.08
CA LEU B 280 -0.16 -29.61 -11.25
C LEU B 280 0.86 -28.61 -10.62
N CYS B 281 1.83 -29.13 -9.88
CA CYS B 281 2.90 -28.34 -9.28
C CYS B 281 4.29 -28.57 -9.88
N PRO B 282 4.69 -27.71 -10.84
CA PRO B 282 6.07 -27.76 -11.31
C PRO B 282 6.87 -26.79 -10.46
N GLU B 283 7.72 -27.34 -9.59
CA GLU B 283 8.27 -26.55 -8.50
C GLU B 283 9.76 -26.33 -8.71
N PRO B 284 10.17 -25.11 -9.09
CA PRO B 284 11.60 -24.89 -9.24
C PRO B 284 12.29 -24.73 -7.88
N TYR B 285 13.40 -25.47 -7.65
CA TYR B 285 14.17 -25.39 -6.40
C TYR B 285 15.61 -24.97 -6.70
N THR B 286 16.20 -24.20 -5.79
CA THR B 286 17.61 -23.87 -5.91
C THR B 286 18.44 -24.96 -5.28
N TRP B 287 17.84 -25.74 -4.40
CA TRP B 287 18.52 -26.90 -3.89
C TRP B 287 17.65 -28.12 -3.85
N VAL B 288 18.31 -29.28 -3.94
CA VAL B 288 17.61 -30.55 -3.90
C VAL B 288 17.14 -30.80 -2.48
N THR B 289 16.04 -31.53 -2.35
CA THR B 289 15.56 -32.03 -1.08
C THR B 289 16.69 -32.55 -0.21
N ASN B 290 16.71 -32.09 1.05
CA ASN B 290 17.67 -32.51 2.06
C ASN B 290 19.13 -32.25 1.70
N ALA B 291 19.36 -31.21 0.89
CA ALA B 291 20.70 -30.84 0.39
C ALA B 291 21.71 -30.64 1.52
N VAL B 292 21.21 -30.07 2.61
CA VAL B 292 21.98 -29.89 3.86
C VAL B 292 22.59 -31.19 4.46
N ASN B 293 22.08 -32.35 4.03
CA ASN B 293 22.51 -33.65 4.55
C ASN B 293 23.20 -34.56 3.52
N LEU B 294 23.40 -34.04 2.30
CA LEU B 294 24.06 -34.81 1.25
C LEU B 294 25.55 -34.46 1.14
N ASP B 295 26.43 -35.46 1.20
CA ASP B 295 27.85 -35.20 0.95
C ASP B 295 28.11 -35.24 -0.57
N LEU B 296 27.54 -34.28 -1.28
CA LEU B 296 27.71 -34.14 -2.73
C LEU B 296 28.20 -32.72 -3.06
N PRO B 297 28.81 -32.54 -4.25
CA PRO B 297 29.36 -31.22 -4.58
C PRO B 297 28.23 -30.18 -4.65
N SER B 298 28.44 -29.04 -4.03
CA SER B 298 27.42 -27.99 -4.02
C SER B 298 27.03 -27.53 -5.43
N SER B 299 27.87 -27.81 -6.43
CA SER B 299 27.53 -27.52 -7.84
C SER B 299 26.41 -28.44 -8.32
N LEU B 300 26.30 -29.60 -7.68
CA LEU B 300 25.24 -30.56 -7.96
C LEU B 300 24.00 -30.41 -7.08
N THR B 301 24.20 -30.36 -5.77
CA THR B 301 23.06 -30.17 -4.83
C THR B 301 22.39 -28.79 -4.90
N GLY B 302 23.16 -27.78 -5.32
CA GLY B 302 22.70 -26.38 -5.36
C GLY B 302 22.65 -25.64 -4.01
N LEU B 303 23.07 -26.29 -2.93
CA LEU B 303 23.27 -25.63 -1.62
C LEU B 303 24.08 -24.33 -1.76
N GLN B 304 23.53 -23.23 -1.24
CA GLN B 304 24.24 -21.96 -1.24
C GLN B 304 24.48 -21.44 0.18
N VAL B 305 25.48 -20.58 0.33
CA VAL B 305 25.87 -20.01 1.61
C VAL B 305 25.92 -18.51 1.44
N LEU B 306 25.34 -17.78 2.39
CA LEU B 306 25.53 -16.33 2.43
C LEU B 306 26.38 -15.94 3.61
N GLU B 307 27.51 -15.30 3.31
CA GLU B 307 28.39 -14.72 4.32
C GLU B 307 27.74 -13.43 4.87
N PRO B 308 28.09 -13.01 6.11
CA PRO B 308 27.51 -11.77 6.69
C PRO B 308 27.58 -10.59 5.71
N GLY B 309 26.48 -9.86 5.54
CA GLY B 309 26.44 -8.74 4.60
C GLY B 309 26.21 -9.06 3.12
N GLU B 310 26.23 -10.35 2.76
CA GLU B 310 26.02 -10.79 1.36
C GLU B 310 24.53 -10.95 1.02
N GLU B 311 24.22 -10.75 -0.26
CA GLU B 311 22.89 -11.03 -0.81
C GLU B 311 22.95 -11.73 -2.18
N THR B 312 21.92 -12.52 -2.47
CA THR B 312 21.77 -13.21 -3.74
C THR B 312 20.35 -13.06 -4.28
N THR B 313 20.22 -12.81 -5.57
CA THR B 313 18.89 -12.80 -6.21
C THR B 313 18.68 -13.99 -7.13
N ALA B 314 17.66 -14.77 -6.82
CA ALA B 314 17.27 -15.93 -7.63
C ALA B 314 16.03 -15.62 -8.49
N LYS B 315 16.20 -15.70 -9.80
CA LYS B 315 15.18 -15.24 -10.73
C LYS B 315 14.38 -16.37 -11.34
N SER B 316 13.09 -16.14 -11.50
CA SER B 316 12.23 -17.03 -12.27
C SER B 316 11.05 -16.22 -12.81
N SER B 317 10.35 -16.76 -13.78
CA SER B 317 9.30 -16.03 -14.48
C SER B 317 8.24 -16.94 -15.10
N ILE B 318 7.03 -16.43 -15.25
CA ILE B 318 5.92 -17.13 -15.88
C ILE B 318 5.41 -16.28 -17.01
N THR B 319 5.55 -16.79 -18.25
CA THR B 319 5.09 -16.12 -19.46
C THR B 319 3.87 -16.82 -20.05
N ILE B 320 2.91 -16.02 -20.51
CA ILE B 320 1.70 -16.54 -21.15
C ILE B 320 1.70 -16.20 -22.64
N GLU B 321 1.60 -17.24 -23.47
CA GLU B 321 1.50 -17.05 -24.93
C GLU B 321 0.23 -17.74 -25.45
N LEU B 322 -0.48 -17.07 -26.37
CA LEU B 322 -1.64 -17.67 -27.05
C LEU B 322 -1.48 -17.71 -28.57
N ASN B 323 -1.79 -18.87 -29.17
CA ASN B 323 -1.63 -19.08 -30.63
C ASN B 323 -2.91 -19.41 -31.39
N HIS B 324 -2.76 -19.59 -32.71
CA HIS B 324 -3.81 -20.08 -33.60
C HIS B 324 -3.31 -21.23 -34.42
C1 GOL C . -7.10 29.52 16.27
O1 GOL C . -7.47 30.75 16.91
C2 GOL C . -7.47 29.64 14.82
O2 GOL C . -8.79 30.20 14.63
C3 GOL C . -7.38 28.28 14.15
O3 GOL C . -7.32 28.58 12.75
C1 CIT D . -0.86 -24.25 -34.79
O1 CIT D . -0.05 -25.07 -34.31
O2 CIT D . -1.37 -23.33 -34.10
C2 CIT D . -1.24 -24.37 -36.28
C3 CIT D . -2.70 -24.77 -36.51
O7 CIT D . -3.31 -24.73 -35.21
C4 CIT D . -3.49 -23.74 -37.32
C5 CIT D . -3.13 -23.55 -38.78
O3 CIT D . -3.43 -22.47 -39.32
O4 CIT D . -2.55 -24.47 -39.38
C6 CIT D . -2.82 -26.18 -37.13
O5 CIT D . -1.81 -26.91 -37.32
O6 CIT D . -3.96 -26.65 -37.47
#